data_8HLJ
#
_entry.id   8HLJ
#
_cell.length_a   40.902
_cell.length_b   86.288
_cell.length_c   95.828
_cell.angle_alpha   90.000
_cell.angle_beta   90.440
_cell.angle_gamma   90.000
#
_symmetry.space_group_name_H-M   'P 1 21 1'
#
loop_
_entity.id
_entity.type
_entity.pdbx_description
1 polymer 'Poly [ADP-ribose] polymerase 2'
2 non-polymer 4-(3-{[4-(cyclopropylcarbonyl)piperazin-1-yl]carbonyl}-4-fluorobenzyl)phthalazin-1(2H)-one
3 water water
#
_entity_poly.entity_id   1
_entity_poly.type   'polypeptide(L)'
_entity_poly.pdbx_seq_one_letter_code
;GPESQLDLRVQELIKLICNVQAMEEMMMEMKYNTKKAPLGKLTVAQIKAGYQSLKKIEDCIRAGQHGRALMEACNEFYTR
IPHDFGLRTPPLIRTQKELSEKIQLLEALGDIEIAIKLVKSERQGLEHPLDQHYRNLHCALRPLDHESYEFKVISQYLQS
THAPTHSDYTMTLLDLFEVEKDGEKEAFREDLHNRMLLWHGSRMSNWVGILSHGLRIAPPEAPITGYMFGKGIYFADMSS
KSANYCFASRLKNTGLLLLSEVALGQCNELLEANPKAEGLLQGKHSTKGLGKMAPSSAHFVTLNGSTVPLGPASDTGILN
PDGYTLNYNEYIVYNPNQVRMRYLLKVQFNFLQ
;
_entity_poly.pdbx_strand_id   A,B
#
loop_
_chem_comp.id
_chem_comp.type
_chem_comp.name
_chem_comp.formula
09L non-polymer 4-(3-{[4-(cyclopropylcarbonyl)piperazin-1-yl]carbonyl}-4-fluorobenzyl)phthalazin-1(2H)-one 'C24 H23 F N4 O3'
#
# COMPACT_ATOMS: atom_id res chain seq x y z
N PRO A 2 37.99 -19.38 -19.16
CA PRO A 2 37.83 -17.97 -19.55
C PRO A 2 36.92 -17.21 -18.60
N GLU A 3 36.60 -15.97 -18.94
CA GLU A 3 35.75 -15.14 -18.10
C GLU A 3 34.31 -15.15 -18.61
N SER A 4 33.39 -14.83 -17.69
CA SER A 4 31.98 -14.80 -18.01
C SER A 4 31.64 -13.55 -18.81
N GLN A 5 30.72 -13.71 -19.77
CA GLN A 5 30.26 -12.59 -20.59
C GLN A 5 28.86 -12.15 -20.21
N LEU A 6 28.30 -12.68 -19.13
CA LEU A 6 26.97 -12.30 -18.69
C LEU A 6 27.04 -11.04 -17.84
N ASP A 7 25.96 -10.27 -17.84
CA ASP A 7 25.84 -9.20 -16.86
C ASP A 7 26.01 -9.76 -15.45
N LEU A 8 26.58 -8.95 -14.56
CA LEU A 8 26.81 -9.40 -13.19
C LEU A 8 25.51 -9.75 -12.49
N ARG A 9 24.42 -9.04 -12.79
CA ARG A 9 23.13 -9.36 -12.17
C ARG A 9 22.62 -10.73 -12.63
N VAL A 10 22.77 -11.04 -13.93
CA VAL A 10 22.41 -12.36 -14.42
C VAL A 10 23.30 -13.42 -13.80
N GLN A 11 24.58 -13.11 -13.60
CA GLN A 11 25.49 -14.05 -12.94
C GLN A 11 25.00 -14.41 -11.55
N GLU A 12 24.57 -13.41 -10.77
CA GLU A 12 24.05 -13.69 -9.44
C GLU A 12 22.79 -14.54 -9.50
N LEU A 13 21.89 -14.21 -10.43
CA LEU A 13 20.65 -14.98 -10.60
C LEU A 13 20.95 -16.44 -10.90
N ILE A 14 21.91 -16.69 -11.80
CA ILE A 14 22.26 -18.07 -12.13
C ILE A 14 22.80 -18.79 -10.91
N LYS A 15 23.76 -18.17 -10.22
CA LYS A 15 24.33 -18.79 -9.02
C LYS A 15 23.25 -19.11 -8.01
N LEU A 16 22.27 -18.23 -7.87
CA LEU A 16 21.20 -18.43 -6.91
C LEU A 16 20.36 -19.67 -7.27
N ILE A 17 19.85 -19.73 -8.51
CA ILE A 17 18.90 -20.80 -8.83
C ILE A 17 19.56 -22.14 -9.11
N CYS A 18 20.84 -22.17 -9.49
CA CYS A 18 21.52 -23.43 -9.78
C CYS A 18 22.32 -23.94 -8.60
N ASN A 19 21.97 -23.53 -7.38
CA ASN A 19 22.68 -23.96 -6.19
C ASN A 19 22.10 -25.31 -5.76
N VAL A 20 22.74 -26.40 -6.21
CA VAL A 20 22.26 -27.73 -5.91
C VAL A 20 22.26 -27.99 -4.41
N GLN A 21 23.28 -27.50 -3.70
CA GLN A 21 23.34 -27.69 -2.26
C GLN A 21 22.19 -27.00 -1.54
N ALA A 22 21.72 -25.86 -2.08
CA ALA A 22 20.50 -25.25 -1.54
C ALA A 22 19.29 -26.12 -1.79
N MET A 23 19.21 -26.76 -2.97
CA MET A 23 18.17 -27.75 -3.23
C MET A 23 18.24 -28.91 -2.26
N GLU A 24 19.46 -29.37 -1.94
CA GLU A 24 19.61 -30.41 -0.92
C GLU A 24 18.98 -29.97 0.39
N GLU A 25 19.24 -28.72 0.80
CA GLU A 25 18.73 -28.25 2.08
C GLU A 25 17.21 -28.17 2.09
N MET A 26 16.61 -27.65 1.03
CA MET A 26 15.15 -27.51 1.00
C MET A 26 14.46 -28.86 1.03
N MET A 27 15.03 -29.85 0.33
CA MET A 27 14.43 -31.18 0.37
C MET A 27 14.54 -31.79 1.76
N MET A 28 15.71 -31.67 2.41
CA MET A 28 15.83 -32.18 3.78
C MET A 28 14.83 -31.52 4.72
N GLU A 29 14.43 -30.27 4.44
CA GLU A 29 13.42 -29.62 5.25
C GLU A 29 12.01 -30.10 4.92
N MET A 30 11.82 -30.77 3.78
CA MET A 30 10.57 -31.46 3.49
C MET A 30 10.63 -32.93 3.90
N LYS A 31 11.54 -33.28 4.81
CA LYS A 31 11.66 -34.61 5.39
C LYS A 31 11.96 -35.66 4.32
N TYR A 32 12.81 -35.28 3.36
CA TYR A 32 13.22 -36.16 2.28
C TYR A 32 14.67 -36.62 2.50
N ASN A 33 14.95 -37.86 2.09
CA ASN A 33 16.24 -38.51 2.36
C ASN A 33 17.19 -38.26 1.20
N THR A 34 18.04 -37.24 1.34
CA THR A 34 18.94 -36.86 0.25
C THR A 34 20.15 -37.77 0.12
N LYS A 35 20.39 -38.66 1.10
CA LYS A 35 21.51 -39.59 1.01
C LYS A 35 21.07 -40.93 0.42
N LYS A 36 20.10 -41.60 1.05
CA LYS A 36 19.60 -42.88 0.55
C LYS A 36 19.10 -42.74 -0.88
N ALA A 37 18.42 -41.65 -1.20
CA ALA A 37 18.01 -41.34 -2.57
C ALA A 37 18.61 -39.99 -2.94
N PRO A 38 19.78 -39.99 -3.58
CA PRO A 38 20.48 -38.73 -3.87
C PRO A 38 19.86 -38.02 -5.07
N LEU A 39 19.76 -36.68 -4.94
CA LEU A 39 19.19 -35.89 -6.01
C LEU A 39 19.95 -36.06 -7.32
N GLY A 40 21.22 -36.50 -7.25
CA GLY A 40 21.92 -36.88 -8.46
C GLY A 40 21.41 -38.16 -9.08
N LYS A 41 20.73 -39.00 -8.30
CA LYS A 41 20.12 -40.25 -8.77
C LYS A 41 18.60 -40.13 -8.81
N LEU A 42 18.10 -38.97 -9.21
CA LEU A 42 16.67 -38.76 -9.38
C LEU A 42 16.29 -39.05 -10.82
N THR A 43 15.30 -39.93 -11.00
CA THR A 43 14.82 -40.27 -12.32
C THR A 43 13.37 -39.86 -12.48
N VAL A 44 13.00 -39.51 -13.71
CA VAL A 44 11.61 -39.21 -14.01
C VAL A 44 10.72 -40.40 -13.64
N ALA A 45 11.22 -41.62 -13.87
CA ALA A 45 10.43 -42.81 -13.55
C ALA A 45 10.18 -42.93 -12.06
N GLN A 46 11.18 -42.61 -11.24
CA GLN A 46 10.99 -42.64 -9.79
C GLN A 46 9.95 -41.62 -9.35
N ILE A 47 9.99 -40.42 -9.91
CA ILE A 47 8.98 -39.41 -9.59
C ILE A 47 7.62 -39.84 -10.13
N LYS A 48 7.60 -40.47 -11.31
CA LYS A 48 6.38 -41.02 -11.88
C LYS A 48 5.71 -42.01 -10.92
N ALA A 49 6.47 -43.02 -10.47
CA ALA A 49 5.92 -43.98 -9.52
C ALA A 49 5.43 -43.29 -8.27
N GLY A 50 6.13 -42.24 -7.83
CA GLY A 50 5.66 -41.47 -6.68
C GLY A 50 4.29 -40.87 -6.89
N TYR A 51 4.04 -40.30 -8.08
CA TYR A 51 2.72 -39.79 -8.37
C TYR A 51 1.68 -40.90 -8.36
N GLN A 52 2.03 -42.07 -8.90
CA GLN A 52 1.09 -43.18 -8.92
C GLN A 52 0.75 -43.64 -7.51
N SER A 53 1.75 -43.69 -6.62
CA SER A 53 1.50 -44.05 -5.22
C SER A 53 0.55 -43.05 -4.56
N LEU A 54 0.73 -41.75 -4.84
CA LEU A 54 -0.19 -40.76 -4.30
C LEU A 54 -1.61 -40.97 -4.81
N LYS A 55 -1.77 -41.53 -6.01
CA LYS A 55 -3.11 -41.80 -6.52
C LYS A 55 -3.77 -42.94 -5.78
N LYS A 56 -3.02 -44.02 -5.52
CA LYS A 56 -3.56 -45.12 -4.74
C LYS A 56 -3.96 -44.65 -3.34
N ILE A 57 -3.20 -43.71 -2.77
CA ILE A 57 -3.60 -43.13 -1.49
C ILE A 57 -4.92 -42.41 -1.62
N GLU A 58 -5.08 -41.62 -2.69
CA GLU A 58 -6.32 -40.90 -2.91
C GLU A 58 -7.50 -41.85 -3.05
N ASP A 59 -7.28 -43.00 -3.70
CA ASP A 59 -8.34 -44.00 -3.80
C ASP A 59 -8.81 -44.44 -2.42
N CYS A 60 -7.87 -44.68 -1.49
CA CYS A 60 -8.24 -45.11 -0.15
C CYS A 60 -9.04 -44.04 0.58
N ILE A 61 -8.58 -42.79 0.50
CA ILE A 61 -9.28 -41.70 1.19
C ILE A 61 -10.71 -41.57 0.65
N ARG A 62 -10.85 -41.63 -0.68
CA ARG A 62 -12.18 -41.50 -1.28
C ARG A 62 -13.08 -42.68 -0.90
N ALA A 63 -12.50 -43.85 -0.69
CA ALA A 63 -13.24 -45.05 -0.33
C ALA A 63 -13.44 -45.19 1.18
N GLY A 64 -12.96 -44.24 1.98
CA GLY A 64 -12.99 -44.37 3.41
C GLY A 64 -12.10 -45.45 3.98
N GLN A 65 -11.30 -46.12 3.16
CA GLN A 65 -10.42 -47.20 3.61
C GLN A 65 -9.19 -46.56 4.28
N HIS A 66 -9.39 -46.13 5.53
CA HIS A 66 -8.34 -45.45 6.28
C HIS A 66 -7.60 -46.39 7.23
N GLY A 67 -7.70 -47.70 7.00
CA GLY A 67 -6.97 -48.67 7.79
C GLY A 67 -5.83 -49.29 7.01
N ARG A 68 -5.77 -50.62 7.01
CA ARG A 68 -4.70 -51.37 6.35
C ARG A 68 -4.37 -50.87 4.95
N ALA A 69 -5.39 -50.69 4.10
CA ALA A 69 -5.17 -50.27 2.73
C ALA A 69 -4.41 -48.94 2.68
N LEU A 70 -4.86 -47.96 3.46
CA LEU A 70 -4.16 -46.68 3.50
C LEU A 70 -2.75 -46.83 4.05
N MET A 71 -2.59 -47.62 5.11
CA MET A 71 -1.26 -47.85 5.67
C MET A 71 -0.31 -48.43 4.62
N GLU A 72 -0.80 -49.40 3.84
CA GLU A 72 0.06 -50.03 2.84
C GLU A 72 0.29 -49.09 1.66
N ALA A 73 -0.74 -48.36 1.25
CA ALA A 73 -0.58 -47.37 0.19
C ALA A 73 0.48 -46.33 0.58
N CYS A 74 0.39 -45.79 1.79
CA CYS A 74 1.36 -44.79 2.23
C CYS A 74 2.76 -45.38 2.30
N ASN A 75 2.88 -46.63 2.78
CA ASN A 75 4.19 -47.26 2.85
C ASN A 75 4.80 -47.44 1.46
N GLU A 76 3.96 -47.66 0.44
CA GLU A 76 4.46 -47.74 -0.92
C GLU A 76 5.00 -46.39 -1.39
N PHE A 77 4.28 -45.31 -1.08
CA PHE A 77 4.79 -43.98 -1.40
C PHE A 77 6.13 -43.73 -0.71
N TYR A 78 6.19 -44.04 0.59
CA TYR A 78 7.40 -43.80 1.36
C TYR A 78 8.56 -44.67 0.90
N THR A 79 8.28 -45.82 0.28
CA THR A 79 9.35 -46.65 -0.27
C THR A 79 9.83 -46.10 -1.61
N ARG A 80 8.91 -45.64 -2.45
CA ARG A 80 9.33 -45.07 -3.73
C ARG A 80 9.95 -43.69 -3.54
N ILE A 81 9.48 -42.93 -2.56
CA ILE A 81 9.99 -41.58 -2.32
C ILE A 81 10.60 -41.56 -0.92
N PRO A 82 11.87 -41.98 -0.78
CA PRO A 82 12.44 -42.22 0.55
C PRO A 82 12.42 -40.97 1.42
N HIS A 83 11.86 -41.12 2.61
CA HIS A 83 11.81 -40.06 3.60
C HIS A 83 12.77 -40.39 4.73
N ASP A 84 13.17 -39.34 5.46
CA ASP A 84 14.12 -39.44 6.57
C ASP A 84 13.43 -38.88 7.80
N PHE A 85 12.62 -39.72 8.45
CA PHE A 85 11.90 -39.34 9.65
C PHE A 85 12.64 -39.71 10.93
N GLY A 86 13.89 -40.16 10.83
CA GLY A 86 14.65 -40.59 12.00
C GLY A 86 14.04 -41.79 12.69
N LEU A 87 13.55 -41.60 13.91
CA LEU A 87 12.84 -42.64 14.64
C LEU A 87 11.32 -42.42 14.67
N ARG A 88 10.85 -41.28 14.18
CA ARG A 88 9.42 -41.03 14.09
C ARG A 88 8.75 -42.08 13.21
N THR A 89 7.53 -42.48 13.59
CA THR A 89 6.78 -43.40 12.74
C THR A 89 6.20 -42.66 11.53
N PRO A 90 6.28 -43.24 10.34
CA PRO A 90 5.83 -42.55 9.12
C PRO A 90 4.35 -42.25 9.18
N PRO A 91 3.96 -41.00 8.93
CA PRO A 91 2.58 -40.59 9.13
C PRO A 91 1.67 -40.90 7.94
N LEU A 92 0.42 -41.22 8.28
CA LEU A 92 -0.57 -41.53 7.26
C LEU A 92 -1.02 -40.26 6.55
N ILE A 93 -1.15 -40.34 5.23
CA ILE A 93 -1.65 -39.24 4.42
C ILE A 93 -3.16 -39.43 4.25
N ARG A 94 -3.95 -38.50 4.78
CA ARG A 94 -5.40 -38.65 4.77
C ARG A 94 -6.19 -37.38 4.44
N THR A 95 -5.63 -36.19 4.63
CA THR A 95 -6.34 -34.97 4.25
C THR A 95 -5.79 -34.41 2.94
N GLN A 96 -6.58 -33.52 2.33
CA GLN A 96 -6.17 -32.90 1.08
C GLN A 96 -4.87 -32.13 1.25
N LYS A 97 -4.74 -31.39 2.36
CA LYS A 97 -3.52 -30.64 2.61
C LYS A 97 -2.32 -31.55 2.73
N GLU A 98 -2.48 -32.71 3.38
CA GLU A 98 -1.40 -33.68 3.44
C GLU A 98 -1.10 -34.25 2.07
N LEU A 99 -2.13 -34.43 1.24
CA LEU A 99 -1.92 -34.85 -0.14
C LEU A 99 -1.18 -33.77 -0.93
N SER A 100 -1.62 -32.52 -0.81
CA SER A 100 -0.98 -31.42 -1.53
C SER A 100 0.50 -31.28 -1.16
N GLU A 101 0.82 -31.48 0.12
CA GLU A 101 2.20 -31.36 0.58
C GLU A 101 3.12 -32.32 -0.15
N LYS A 102 2.66 -33.55 -0.40
CA LYS A 102 3.48 -34.52 -1.12
C LYS A 102 3.53 -34.20 -2.61
N ILE A 103 2.47 -33.61 -3.15
CA ILE A 103 2.51 -33.16 -4.54
C ILE A 103 3.56 -32.06 -4.70
N GLN A 104 3.59 -31.10 -3.78
CA GLN A 104 4.63 -30.08 -3.82
C GLN A 104 6.03 -30.71 -3.80
N LEU A 105 6.23 -31.71 -2.94
CA LEU A 105 7.53 -32.37 -2.86
C LEU A 105 7.89 -33.03 -4.17
N LEU A 106 6.94 -33.79 -4.74
CA LEU A 106 7.17 -34.43 -6.04
C LEU A 106 7.43 -33.37 -7.13
N GLU A 107 6.77 -32.22 -7.04
CA GLU A 107 7.04 -31.16 -8.00
C GLU A 107 8.46 -30.64 -7.87
N ALA A 108 8.90 -30.40 -6.64
CA ALA A 108 10.26 -29.88 -6.43
C ALA A 108 11.31 -30.90 -6.89
N LEU A 109 11.10 -32.19 -6.57
CA LEU A 109 12.01 -33.22 -7.07
C LEU A 109 12.07 -33.22 -8.58
N GLY A 110 10.93 -33.05 -9.24
CA GLY A 110 10.94 -32.98 -10.69
C GLY A 110 11.76 -31.82 -11.22
N ASP A 111 11.65 -30.66 -10.57
CA ASP A 111 12.43 -29.51 -11.03
C ASP A 111 13.88 -29.59 -10.58
N ILE A 112 14.18 -30.32 -9.51
CA ILE A 112 15.58 -30.54 -9.17
C ILE A 112 16.22 -31.52 -10.14
N GLU A 113 15.46 -32.55 -10.56
CA GLU A 113 15.96 -33.47 -11.60
C GLU A 113 16.37 -32.71 -12.85
N ILE A 114 15.57 -31.73 -13.26
CA ILE A 114 15.91 -30.94 -14.44
C ILE A 114 17.17 -30.13 -14.18
N ALA A 115 17.26 -29.50 -13.01
CA ALA A 115 18.38 -28.62 -12.72
C ALA A 115 19.69 -29.40 -12.62
N ILE A 116 19.66 -30.54 -11.94
CA ILE A 116 20.87 -31.34 -11.82
C ILE A 116 21.33 -31.83 -13.17
N LYS A 117 20.40 -32.24 -14.03
CA LYS A 117 20.76 -32.62 -15.39
C LYS A 117 21.37 -31.44 -16.14
N LEU A 118 20.89 -30.22 -15.87
CA LEU A 118 21.44 -29.05 -16.54
C LEU A 118 22.86 -28.75 -16.05
N VAL A 119 23.06 -28.72 -14.74
CA VAL A 119 24.39 -28.36 -14.22
C VAL A 119 25.40 -29.46 -14.51
N LYS A 120 24.96 -30.73 -14.55
CA LYS A 120 25.90 -31.83 -14.76
C LYS A 120 26.40 -31.88 -16.20
N SER A 121 25.59 -31.41 -17.15
CA SER A 121 26.05 -31.29 -18.54
C SER A 121 27.14 -30.22 -18.60
N GLU A 122 28.38 -30.62 -18.84
CA GLU A 122 29.50 -29.72 -18.72
C GLU A 122 30.33 -29.71 -20.00
N ARG A 123 30.88 -28.55 -20.30
CA ARG A 123 31.96 -28.41 -21.27
C ARG A 123 33.25 -28.21 -20.49
N GLN A 124 34.28 -27.66 -21.14
CA GLN A 124 35.54 -27.40 -20.45
C GLN A 124 35.85 -25.91 -20.47
N GLY A 125 37.06 -25.55 -20.90
CA GLY A 125 37.52 -24.19 -20.74
C GLY A 125 37.25 -23.27 -21.91
N LEU A 126 36.10 -23.43 -22.57
CA LEU A 126 35.73 -22.53 -23.66
C LEU A 126 34.71 -21.48 -23.25
N GLU A 127 33.74 -21.84 -22.40
CA GLU A 127 32.75 -20.92 -21.89
C GLU A 127 32.79 -20.94 -20.37
N HIS A 128 32.50 -19.79 -19.77
CA HIS A 128 32.35 -19.75 -18.32
C HIS A 128 31.18 -20.64 -17.90
N PRO A 129 31.28 -21.31 -16.75
CA PRO A 129 30.18 -22.21 -16.33
C PRO A 129 28.85 -21.52 -16.18
N LEU A 130 28.82 -20.31 -15.60
CA LEU A 130 27.56 -19.58 -15.52
C LEU A 130 27.00 -19.30 -16.91
N ASP A 131 27.86 -18.97 -17.87
CA ASP A 131 27.40 -18.70 -19.23
C ASP A 131 26.80 -19.93 -19.88
N GLN A 132 27.30 -21.12 -19.52
CA GLN A 132 26.79 -22.34 -20.12
C GLN A 132 25.46 -22.75 -19.49
N HIS A 133 25.33 -22.61 -18.17
CA HIS A 133 24.04 -22.80 -17.52
C HIS A 133 23.00 -21.86 -18.10
N TYR A 134 23.34 -20.58 -18.25
CA TYR A 134 22.41 -19.62 -18.82
C TYR A 134 22.00 -20.01 -20.23
N ARG A 135 22.97 -20.44 -21.06
CA ARG A 135 22.63 -20.90 -22.40
C ARG A 135 21.72 -22.12 -22.35
N ASN A 136 22.06 -23.09 -21.49
CA ASN A 136 21.27 -24.31 -21.38
C ASN A 136 19.84 -24.03 -20.92
N LEU A 137 19.58 -22.86 -20.33
CA LEU A 137 18.22 -22.53 -19.90
C LEU A 137 17.27 -22.35 -21.08
N HIS A 138 17.80 -21.90 -22.23
CA HIS A 138 16.98 -21.51 -23.36
C HIS A 138 15.89 -20.54 -22.94
N CYS A 139 16.28 -19.58 -22.11
CA CYS A 139 15.36 -18.57 -21.59
C CYS A 139 16.17 -17.32 -21.33
N ALA A 140 15.96 -16.29 -22.14
CA ALA A 140 16.68 -15.04 -21.95
C ALA A 140 16.24 -14.36 -20.67
N LEU A 141 17.21 -13.80 -19.94
CA LEU A 141 16.98 -13.06 -18.70
C LEU A 141 17.72 -11.73 -18.80
N ARG A 142 16.97 -10.63 -18.95
CA ARG A 142 17.54 -9.32 -19.20
C ARG A 142 17.39 -8.41 -17.99
N PRO A 143 18.48 -8.02 -17.32
CA PRO A 143 18.37 -7.14 -16.15
C PRO A 143 17.81 -5.79 -16.54
N LEU A 144 16.76 -5.37 -15.84
CA LEU A 144 16.14 -4.08 -16.09
C LEU A 144 16.71 -3.05 -15.12
N ASP A 145 16.62 -1.78 -15.51
CA ASP A 145 17.24 -0.71 -14.75
C ASP A 145 16.33 -0.30 -13.59
N HIS A 146 16.93 -0.11 -12.41
CA HIS A 146 16.15 0.33 -11.24
C HIS A 146 15.46 1.65 -11.52
N GLU A 147 16.20 2.61 -12.08
CA GLU A 147 15.63 3.90 -12.44
C GLU A 147 14.73 3.81 -13.66
N SER A 148 14.72 2.68 -14.36
CA SER A 148 13.88 2.54 -15.55
C SER A 148 12.39 2.58 -15.18
N TYR A 149 11.57 2.74 -16.21
CA TYR A 149 10.13 2.85 -16.02
C TYR A 149 9.51 1.51 -15.63
N GLU A 150 10.08 0.40 -16.12
CA GLU A 150 9.49 -0.90 -15.83
C GLU A 150 9.59 -1.24 -14.36
N PHE A 151 10.77 -1.03 -13.77
CA PHE A 151 10.96 -1.17 -12.34
C PHE A 151 9.89 -0.40 -11.56
N LYS A 152 9.55 0.80 -12.03
CA LYS A 152 8.56 1.64 -11.35
C LYS A 152 7.19 0.99 -11.35
N VAL A 153 6.75 0.45 -12.49
CA VAL A 153 5.39 -0.07 -12.59
C VAL A 153 5.25 -1.38 -11.81
N ILE A 154 6.25 -2.25 -11.90
CA ILE A 154 6.13 -3.54 -11.24
C ILE A 154 6.31 -3.40 -9.73
N SER A 155 7.09 -2.42 -9.29
CA SER A 155 7.19 -2.13 -7.87
C SER A 155 5.83 -1.75 -7.29
N GLN A 156 5.14 -0.82 -7.94
CA GLN A 156 3.79 -0.47 -7.49
C GLN A 156 2.86 -1.68 -7.55
N TYR A 157 2.98 -2.51 -8.59
CA TYR A 157 2.20 -3.73 -8.64
C TYR A 157 2.49 -4.62 -7.42
N LEU A 158 3.77 -4.77 -7.08
CA LEU A 158 4.14 -5.66 -5.98
C LEU A 158 3.69 -5.10 -4.64
N GLN A 159 3.94 -3.82 -4.41
CA GLN A 159 3.60 -3.20 -3.13
C GLN A 159 2.09 -2.99 -2.99
N SER A 160 1.45 -2.48 -4.04
CA SER A 160 0.04 -2.12 -3.93
C SER A 160 -0.88 -3.33 -3.94
N THR A 161 -0.40 -4.52 -4.28
CA THR A 161 -1.21 -5.73 -4.25
C THR A 161 -0.78 -6.69 -3.14
N HIS A 162 0.09 -6.24 -2.24
CA HIS A 162 0.34 -6.98 -1.02
C HIS A 162 -0.94 -7.05 -0.20
N ALA A 163 -1.41 -8.27 0.07
CA ALA A 163 -2.68 -8.44 0.74
C ALA A 163 -2.57 -8.07 2.22
N PRO A 164 -3.61 -7.45 2.79
CA PRO A 164 -3.53 -7.02 4.20
C PRO A 164 -3.60 -8.16 5.20
N THR A 165 -4.10 -9.33 4.81
CA THR A 165 -4.06 -10.50 5.68
C THR A 165 -2.72 -11.23 5.64
N HIS A 166 -1.76 -10.76 4.84
CA HIS A 166 -0.42 -11.33 4.83
C HIS A 166 0.54 -10.34 5.48
N SER A 167 0.31 -10.04 6.76
CA SER A 167 0.99 -8.96 7.45
C SER A 167 2.27 -9.40 8.18
N ASP A 168 2.63 -10.67 8.12
CA ASP A 168 3.85 -11.14 8.76
C ASP A 168 5.11 -10.73 8.01
N TYR A 169 5.00 -10.11 6.84
CA TYR A 169 6.18 -9.69 6.11
C TYR A 169 5.81 -8.59 5.12
N THR A 170 6.83 -7.79 4.76
CA THR A 170 6.80 -6.93 3.60
C THR A 170 7.85 -7.41 2.60
N MET A 171 7.80 -6.84 1.40
CA MET A 171 8.69 -7.26 0.32
C MET A 171 9.45 -6.06 -0.23
N THR A 172 10.74 -6.25 -0.51
CA THR A 172 11.58 -5.25 -1.16
C THR A 172 12.12 -5.81 -2.47
N LEU A 173 11.96 -5.05 -3.56
CA LEU A 173 12.41 -5.47 -4.88
C LEU A 173 13.90 -5.22 -5.00
N LEU A 174 14.69 -6.28 -5.15
CA LEU A 174 16.13 -6.19 -5.27
C LEU A 174 16.58 -6.07 -6.72
N ASP A 175 15.94 -6.79 -7.63
CA ASP A 175 16.33 -6.74 -9.04
C ASP A 175 15.16 -7.21 -9.88
N LEU A 176 15.13 -6.73 -11.12
CA LEU A 176 14.06 -7.04 -12.06
C LEU A 176 14.68 -7.57 -13.34
N PHE A 177 14.14 -8.67 -13.85
CA PHE A 177 14.62 -9.29 -15.08
C PHE A 177 13.48 -9.41 -16.07
N GLU A 178 13.75 -9.11 -17.33
CA GLU A 178 12.83 -9.38 -18.41
C GLU A 178 13.05 -10.81 -18.90
N VAL A 179 11.97 -11.57 -19.03
CA VAL A 179 12.03 -12.99 -19.36
C VAL A 179 11.51 -13.20 -20.77
N GLU A 180 12.21 -14.02 -21.55
CA GLU A 180 11.75 -14.43 -22.88
C GLU A 180 12.17 -15.88 -23.08
N LYS A 181 11.29 -16.79 -22.69
CA LYS A 181 11.56 -18.21 -22.89
C LYS A 181 11.40 -18.58 -24.36
N ASP A 182 12.33 -19.38 -24.87
CA ASP A 182 12.31 -19.77 -26.27
C ASP A 182 11.00 -20.48 -26.62
N GLY A 183 10.33 -19.98 -27.65
CA GLY A 183 9.13 -20.61 -28.17
C GLY A 183 7.83 -20.15 -27.53
N GLU A 184 7.89 -19.55 -26.34
CA GLU A 184 6.66 -19.19 -25.64
C GLU A 184 5.85 -18.18 -26.43
N LYS A 185 6.51 -17.17 -27.00
CA LYS A 185 5.78 -16.16 -27.77
C LYS A 185 5.14 -16.75 -29.03
N GLU A 186 5.78 -17.77 -29.63
CA GLU A 186 5.21 -18.38 -30.83
C GLU A 186 3.97 -19.20 -30.51
N ALA A 187 3.92 -19.81 -29.34
CA ALA A 187 2.77 -20.64 -28.97
C ALA A 187 1.62 -19.83 -28.38
N PHE A 188 1.89 -18.62 -27.91
CA PHE A 188 0.92 -17.90 -27.08
C PHE A 188 -0.36 -17.59 -27.85
N ARG A 189 -1.49 -17.77 -27.17
CA ARG A 189 -2.81 -17.50 -27.73
C ARG A 189 -3.06 -15.99 -27.69
N GLU A 190 -2.54 -15.29 -28.70
CA GLU A 190 -2.78 -13.85 -28.81
C GLU A 190 -4.23 -13.54 -29.16
N ASP A 191 -4.95 -14.48 -29.77
CA ASP A 191 -6.33 -14.25 -30.16
C ASP A 191 -7.26 -14.14 -28.96
N LEU A 192 -6.89 -14.71 -27.82
CA LEU A 192 -7.76 -14.70 -26.66
C LEU A 192 -7.75 -13.33 -26.00
N HIS A 193 -8.91 -12.91 -25.52
CA HIS A 193 -9.04 -11.63 -24.83
C HIS A 193 -8.74 -11.81 -23.34
N ASN A 194 -8.89 -10.73 -22.57
CA ASN A 194 -8.67 -10.73 -21.13
C ASN A 194 -7.25 -11.16 -20.79
N ARG A 195 -6.29 -10.53 -21.46
CA ARG A 195 -4.87 -10.79 -21.21
C ARG A 195 -4.40 -9.95 -20.04
N MET A 196 -3.98 -10.60 -18.95
CA MET A 196 -3.57 -9.91 -17.74
C MET A 196 -2.15 -10.31 -17.33
N LEU A 197 -1.47 -9.39 -16.67
CA LEU A 197 -0.14 -9.64 -16.11
C LEU A 197 -0.31 -10.09 -14.66
N LEU A 198 -0.12 -11.38 -14.41
CA LEU A 198 -0.48 -12.01 -13.15
C LEU A 198 0.73 -12.64 -12.48
N TRP A 199 0.60 -12.91 -11.18
CA TRP A 199 1.68 -13.40 -10.34
C TRP A 199 1.74 -14.92 -10.32
N HIS A 200 2.95 -15.44 -10.14
CA HIS A 200 3.14 -16.85 -9.80
C HIS A 200 4.38 -16.99 -8.94
N GLY A 201 4.22 -17.60 -7.76
CA GLY A 201 5.32 -17.83 -6.84
C GLY A 201 5.63 -19.31 -6.73
N SER A 202 6.90 -19.63 -6.47
CA SER A 202 7.34 -21.01 -6.40
C SER A 202 8.56 -21.08 -5.49
N ARG A 203 8.81 -22.28 -4.96
CA ARG A 203 10.01 -22.52 -4.16
C ARG A 203 11.27 -22.24 -4.97
N MET A 204 12.35 -21.89 -4.25
CA MET A 204 13.60 -21.53 -4.90
C MET A 204 14.18 -22.69 -5.71
N SER A 205 13.86 -23.92 -5.35
CA SER A 205 14.39 -25.09 -6.06
C SER A 205 13.78 -25.25 -7.44
N ASN A 206 12.65 -24.60 -7.72
CA ASN A 206 11.87 -24.90 -8.92
C ASN A 206 12.22 -24.01 -10.11
N TRP A 207 13.03 -22.96 -9.92
CA TRP A 207 13.12 -21.92 -10.95
C TRP A 207 13.88 -22.40 -12.19
N VAL A 208 14.92 -23.21 -12.01
CA VAL A 208 15.63 -23.74 -13.18
C VAL A 208 14.68 -24.55 -14.06
N GLY A 209 13.90 -25.45 -13.43
CA GLY A 209 12.91 -26.20 -14.19
C GLY A 209 11.83 -25.31 -14.80
N ILE A 210 11.36 -24.31 -14.04
CA ILE A 210 10.30 -23.45 -14.55
C ILE A 210 10.80 -22.61 -15.72
N LEU A 211 11.99 -22.04 -15.60
CA LEU A 211 12.51 -21.20 -16.68
C LEU A 211 12.87 -22.03 -17.90
N SER A 212 13.40 -23.24 -17.70
CA SER A 212 13.87 -24.01 -18.85
C SER A 212 12.75 -24.77 -19.54
N HIS A 213 11.77 -25.28 -18.78
CA HIS A 213 10.67 -26.06 -19.36
C HIS A 213 9.33 -25.33 -19.37
N GLY A 214 9.22 -24.19 -18.69
CA GLY A 214 7.97 -23.49 -18.58
C GLY A 214 7.12 -24.00 -17.43
N LEU A 215 6.06 -23.25 -17.13
CA LEU A 215 5.03 -23.74 -16.24
C LEU A 215 4.26 -24.84 -16.96
N ARG A 216 4.01 -25.96 -16.28
CA ARG A 216 3.53 -27.15 -16.96
C ARG A 216 2.30 -27.74 -16.28
N ILE A 217 1.58 -28.57 -17.04
CA ILE A 217 0.38 -29.26 -16.54
C ILE A 217 0.81 -30.50 -15.77
N ALA A 218 0.20 -30.70 -14.60
CA ALA A 218 0.49 -31.86 -13.76
C ALA A 218 0.27 -33.15 -14.53
N PRO A 219 1.04 -34.19 -14.24
CA PRO A 219 1.00 -35.42 -15.05
C PRO A 219 -0.33 -36.13 -14.89
N PRO A 220 -0.66 -37.05 -15.80
CA PRO A 220 -1.93 -37.79 -15.68
C PRO A 220 -2.02 -38.61 -14.40
N GLU A 221 -0.92 -39.25 -13.98
CA GLU A 221 -0.99 -40.16 -12.84
C GLU A 221 -1.16 -39.47 -11.51
N ALA A 222 -1.05 -38.14 -11.45
CA ALA A 222 -1.22 -37.46 -10.17
C ALA A 222 -2.69 -37.51 -9.74
N PRO A 223 -2.95 -37.56 -8.44
CA PRO A 223 -4.33 -37.54 -7.95
C PRO A 223 -4.99 -36.20 -8.25
N ILE A 224 -6.19 -36.24 -8.82
CA ILE A 224 -6.86 -35.01 -9.21
C ILE A 224 -7.22 -34.16 -8.00
N THR A 225 -7.52 -34.79 -6.86
CA THR A 225 -7.96 -34.03 -5.70
C THR A 225 -6.85 -33.18 -5.10
N GLY A 226 -5.59 -33.43 -5.47
CA GLY A 226 -4.48 -32.61 -5.02
C GLY A 226 -4.41 -31.23 -5.63
N TYR A 227 -5.28 -30.93 -6.58
CA TYR A 227 -5.31 -29.62 -7.27
C TYR A 227 -6.70 -29.05 -7.09
N MET A 228 -6.81 -27.96 -6.34
CA MET A 228 -8.12 -27.47 -5.91
C MET A 228 -9.01 -27.12 -7.09
N PHE A 229 -8.44 -26.66 -8.22
CA PHE A 229 -9.23 -26.29 -9.39
C PHE A 229 -8.79 -27.07 -10.63
N GLY A 230 -8.26 -28.27 -10.43
CA GLY A 230 -7.86 -29.12 -11.54
C GLY A 230 -6.40 -28.92 -11.93
N LYS A 231 -5.95 -29.77 -12.85
CA LYS A 231 -4.56 -29.80 -13.29
C LYS A 231 -4.34 -28.67 -14.30
N GLY A 232 -3.96 -27.51 -13.79
CA GLY A 232 -3.72 -26.33 -14.60
C GLY A 232 -2.60 -25.49 -14.02
N ILE A 233 -2.47 -24.26 -14.49
CA ILE A 233 -1.42 -23.34 -14.05
C ILE A 233 -2.08 -22.18 -13.32
N TYR A 234 -1.65 -21.93 -12.09
CA TYR A 234 -2.38 -21.06 -11.16
C TYR A 234 -1.66 -19.73 -11.00
N PHE A 235 -2.44 -18.65 -10.99
CA PHE A 235 -1.91 -17.30 -10.83
C PHE A 235 -2.79 -16.53 -9.86
N ALA A 236 -2.25 -15.43 -9.33
CA ALA A 236 -3.01 -14.52 -8.52
C ALA A 236 -2.84 -13.09 -9.03
N ASP A 237 -3.80 -12.23 -8.72
CA ASP A 237 -3.64 -10.81 -8.95
C ASP A 237 -3.09 -10.06 -7.74
N MET A 238 -2.93 -10.75 -6.61
CA MET A 238 -2.37 -10.19 -5.39
C MET A 238 -0.98 -10.76 -5.19
N SER A 239 0.02 -9.87 -5.13
CA SER A 239 1.40 -10.31 -5.10
C SER A 239 1.69 -11.23 -3.92
N SER A 240 1.17 -10.91 -2.74
CA SER A 240 1.52 -11.69 -1.55
C SER A 240 0.90 -13.09 -1.58
N LYS A 241 -0.27 -13.26 -2.20
CA LYS A 241 -0.84 -14.60 -2.30
C LYS A 241 0.08 -15.54 -3.08
N SER A 242 0.71 -15.03 -4.15
CA SER A 242 1.71 -15.80 -4.86
C SER A 242 2.99 -15.91 -4.05
N ALA A 243 3.42 -14.80 -3.43
CA ALA A 243 4.68 -14.77 -2.71
C ALA A 243 4.70 -15.77 -1.55
N ASN A 244 3.52 -16.12 -1.02
CA ASN A 244 3.45 -17.18 0.00
C ASN A 244 3.98 -18.49 -0.52
N TYR A 245 3.83 -18.75 -1.83
CA TYR A 245 4.26 -20.00 -2.41
C TYR A 245 5.74 -20.03 -2.73
N CYS A 246 6.47 -18.94 -2.48
CA CYS A 246 7.92 -18.97 -2.47
C CYS A 246 8.45 -19.75 -1.27
N PHE A 247 7.68 -19.86 -0.20
CA PHE A 247 8.10 -20.56 1.02
C PHE A 247 9.46 -20.03 1.50
N ALA A 248 9.58 -18.71 1.51
CA ALA A 248 10.72 -18.05 2.11
C ALA A 248 10.60 -18.07 3.63
N SER A 249 11.74 -18.10 4.30
CA SER A 249 11.82 -18.14 5.74
C SER A 249 12.63 -16.95 6.25
N ARG A 250 12.67 -16.81 7.58
CA ARG A 250 13.47 -15.74 8.18
C ARG A 250 14.94 -15.87 7.79
N LEU A 251 15.43 -17.10 7.65
CA LEU A 251 16.84 -17.34 7.35
C LEU A 251 17.11 -17.42 5.84
N LYS A 252 16.12 -17.82 5.05
CA LYS A 252 16.20 -17.77 3.60
C LYS A 252 15.14 -16.77 3.11
N ASN A 253 15.39 -15.49 3.34
CA ASN A 253 14.41 -14.45 3.04
C ASN A 253 14.64 -13.80 1.67
N THR A 254 15.28 -14.51 0.73
CA THR A 254 15.32 -14.10 -0.67
C THR A 254 14.59 -15.14 -1.49
N GLY A 255 13.60 -14.69 -2.28
CA GLY A 255 12.89 -15.54 -3.21
C GLY A 255 12.69 -14.83 -4.54
N LEU A 256 12.04 -15.54 -5.45
CA LEU A 256 11.74 -15.04 -6.79
C LEU A 256 10.24 -15.08 -7.04
N LEU A 257 9.72 -14.04 -7.68
CA LEU A 257 8.33 -13.94 -8.09
C LEU A 257 8.28 -13.78 -9.60
N LEU A 258 7.37 -14.51 -10.24
CA LEU A 258 7.24 -14.47 -11.69
C LEU A 258 6.00 -13.69 -12.09
N LEU A 259 6.14 -12.81 -13.08
CA LEU A 259 5.00 -12.16 -13.73
C LEU A 259 4.84 -12.74 -15.12
N SER A 260 3.61 -13.06 -15.49
CA SER A 260 3.35 -13.70 -16.77
C SER A 260 2.12 -13.08 -17.42
N GLU A 261 2.14 -12.97 -18.74
CA GLU A 261 0.93 -12.67 -19.50
C GLU A 261 0.08 -13.93 -19.58
N VAL A 262 -1.19 -13.80 -19.21
CA VAL A 262 -2.09 -14.93 -19.10
C VAL A 262 -3.28 -14.69 -20.01
N ALA A 263 -3.44 -15.55 -21.02
CA ALA A 263 -4.54 -15.43 -21.96
C ALA A 263 -5.77 -16.07 -21.32
N LEU A 264 -6.45 -15.28 -20.48
CA LEU A 264 -7.57 -15.81 -19.70
C LEU A 264 -8.79 -16.07 -20.57
N GLY A 265 -9.07 -15.19 -21.53
CA GLY A 265 -10.27 -15.36 -22.33
C GLY A 265 -11.51 -15.25 -21.48
N GLN A 266 -12.46 -16.15 -21.74
CA GLN A 266 -13.71 -16.20 -21.00
C GLN A 266 -13.50 -17.00 -19.71
N CYS A 267 -13.57 -16.33 -18.56
CA CYS A 267 -13.40 -16.97 -17.27
C CYS A 267 -14.66 -17.71 -16.83
N ASN A 268 -14.51 -18.96 -16.41
CA ASN A 268 -15.55 -19.67 -15.69
C ASN A 268 -15.38 -19.36 -14.20
N GLU A 269 -16.20 -18.46 -13.67
CA GLU A 269 -16.04 -17.97 -12.31
C GLU A 269 -16.63 -18.96 -11.30
N LEU A 270 -15.89 -19.21 -10.22
CA LEU A 270 -16.27 -20.20 -9.23
C LEU A 270 -16.08 -19.62 -7.83
N LEU A 271 -16.89 -20.12 -6.89
CA LEU A 271 -16.87 -19.66 -5.50
C LEU A 271 -15.97 -20.52 -4.61
N GLU A 272 -16.20 -21.84 -4.62
CA GLU A 272 -15.41 -22.76 -3.83
C GLU A 272 -14.56 -23.62 -4.75
N ALA A 273 -13.64 -24.36 -4.15
CA ALA A 273 -12.75 -25.23 -4.90
C ALA A 273 -13.54 -26.39 -5.50
N ASN A 274 -12.95 -26.98 -6.54
CA ASN A 274 -13.53 -28.11 -7.26
C ASN A 274 -12.47 -28.73 -8.15
N PRO A 275 -11.85 -29.85 -7.74
CA PRO A 275 -10.77 -30.44 -8.55
C PRO A 275 -11.19 -30.80 -9.95
N LYS A 276 -12.49 -30.88 -10.22
CA LYS A 276 -13.00 -31.23 -11.54
C LYS A 276 -13.40 -30.00 -12.34
N ALA A 277 -12.85 -28.84 -12.01
CA ALA A 277 -13.27 -27.59 -12.64
C ALA A 277 -13.01 -27.57 -14.15
N GLU A 278 -12.06 -28.37 -14.65
CA GLU A 278 -11.73 -28.30 -16.06
C GLU A 278 -12.86 -28.84 -16.93
N GLY A 279 -13.54 -29.90 -16.47
CA GLY A 279 -14.69 -30.40 -17.21
C GLY A 279 -15.84 -29.42 -17.27
N LEU A 280 -15.92 -28.51 -16.30
CA LEU A 280 -16.99 -27.51 -16.24
C LEU A 280 -16.74 -26.32 -17.15
N LEU A 281 -15.61 -26.28 -17.87
CA LEU A 281 -15.34 -25.15 -18.75
C LEU A 281 -16.32 -25.12 -19.91
N GLN A 282 -16.50 -26.25 -20.59
CA GLN A 282 -17.30 -26.40 -21.80
C GLN A 282 -17.34 -25.13 -22.65
N GLY A 283 -16.22 -24.80 -23.29
CA GLY A 283 -16.16 -23.65 -24.16
C GLY A 283 -15.30 -22.52 -23.61
N LYS A 284 -15.43 -22.26 -22.31
CA LYS A 284 -14.65 -21.21 -21.70
C LYS A 284 -13.18 -21.61 -21.59
N HIS A 285 -12.33 -20.60 -21.37
CA HIS A 285 -10.89 -20.77 -21.51
C HIS A 285 -10.12 -20.80 -20.20
N SER A 286 -10.71 -20.38 -19.09
CA SER A 286 -9.99 -20.38 -17.82
C SER A 286 -10.98 -20.42 -16.67
N THR A 287 -10.46 -20.78 -15.49
CA THR A 287 -11.22 -20.78 -14.25
C THR A 287 -10.76 -19.60 -13.39
N LYS A 288 -11.71 -18.82 -12.88
CA LYS A 288 -11.42 -17.77 -11.92
C LYS A 288 -12.08 -18.11 -10.58
N GLY A 289 -11.25 -18.29 -9.55
CA GLY A 289 -11.75 -18.43 -8.20
C GLY A 289 -11.92 -17.06 -7.58
N LEU A 290 -13.12 -16.79 -7.08
CA LEU A 290 -13.49 -15.44 -6.66
C LEU A 290 -13.14 -15.18 -5.21
N GLY A 291 -12.47 -14.06 -4.95
CA GLY A 291 -12.10 -13.68 -3.60
C GLY A 291 -12.83 -12.44 -3.12
N LYS A 292 -12.92 -12.30 -1.79
CA LYS A 292 -13.59 -11.14 -1.19
C LYS A 292 -12.87 -9.84 -1.48
N MET A 293 -11.62 -9.89 -1.93
CA MET A 293 -10.80 -8.71 -2.10
C MET A 293 -9.96 -8.85 -3.36
N ALA A 294 -9.90 -7.78 -4.14
CA ALA A 294 -9.17 -7.79 -5.40
C ALA A 294 -8.96 -6.36 -5.90
N PRO A 295 -7.92 -6.10 -6.69
CA PRO A 295 -7.77 -4.77 -7.28
C PRO A 295 -9.01 -4.38 -8.08
N SER A 296 -9.32 -3.10 -8.07
CA SER A 296 -10.52 -2.60 -8.73
C SER A 296 -10.21 -2.24 -10.17
N SER A 297 -11.23 -2.39 -11.03
CA SER A 297 -11.05 -2.10 -12.45
C SER A 297 -10.65 -0.65 -12.70
N ALA A 298 -10.79 0.23 -11.71
CA ALA A 298 -10.50 1.64 -11.90
C ALA A 298 -9.01 1.91 -12.03
N HIS A 299 -8.17 1.12 -11.35
CA HIS A 299 -6.73 1.36 -11.35
C HIS A 299 -5.98 0.50 -12.37
N PHE A 300 -6.68 -0.40 -13.08
CA PHE A 300 -6.05 -1.26 -14.08
C PHE A 300 -5.28 -0.42 -15.10
N VAL A 301 -4.09 -0.88 -15.47
CA VAL A 301 -3.32 -0.22 -16.52
C VAL A 301 -2.90 -1.26 -17.56
N THR A 302 -2.00 -0.88 -18.47
CA THR A 302 -1.66 -1.73 -19.60
C THR A 302 -0.16 -1.71 -19.84
N LEU A 303 0.42 -2.90 -20.02
CA LEU A 303 1.86 -3.03 -20.25
C LEU A 303 2.06 -4.07 -21.33
N ASN A 304 2.59 -3.65 -22.48
CA ASN A 304 2.89 -4.55 -23.60
C ASN A 304 1.68 -5.36 -24.04
N GLY A 305 0.48 -4.80 -23.88
CA GLY A 305 -0.73 -5.46 -24.33
C GLY A 305 -1.47 -6.24 -23.27
N SER A 306 -0.96 -6.31 -22.04
CA SER A 306 -1.58 -7.03 -20.94
C SER A 306 -2.10 -6.04 -19.90
N THR A 307 -3.21 -6.40 -19.26
CA THR A 307 -3.80 -5.60 -18.20
C THR A 307 -3.07 -5.87 -16.89
N VAL A 308 -2.39 -4.85 -16.36
CA VAL A 308 -1.71 -4.94 -15.08
C VAL A 308 -2.68 -4.49 -13.99
N PRO A 309 -3.28 -5.41 -13.22
CA PRO A 309 -4.30 -5.00 -12.26
C PRO A 309 -3.71 -4.28 -11.05
N LEU A 310 -3.22 -3.07 -11.27
CA LEU A 310 -2.52 -2.31 -10.25
C LEU A 310 -3.53 -1.80 -9.23
N GLY A 311 -3.15 -0.80 -8.44
CA GLY A 311 -4.05 -0.16 -7.53
C GLY A 311 -4.23 -0.93 -6.24
N PRO A 312 -4.63 -0.23 -5.18
CA PRO A 312 -4.98 -0.92 -3.94
C PRO A 312 -6.19 -1.81 -4.13
N ALA A 313 -6.20 -2.93 -3.41
CA ALA A 313 -7.29 -3.87 -3.53
C ALA A 313 -8.54 -3.30 -2.88
N SER A 314 -9.62 -3.27 -3.63
CA SER A 314 -10.91 -2.85 -3.10
C SER A 314 -11.74 -4.07 -2.74
N ASP A 315 -12.72 -3.85 -1.87
CA ASP A 315 -13.66 -4.91 -1.55
C ASP A 315 -14.50 -5.26 -2.76
N THR A 316 -14.57 -6.55 -3.07
CA THR A 316 -15.31 -6.98 -4.25
C THR A 316 -16.79 -7.17 -3.95
N GLY A 317 -17.13 -7.72 -2.79
CA GLY A 317 -18.50 -8.00 -2.45
C GLY A 317 -18.91 -9.45 -2.58
N ILE A 318 -18.01 -10.32 -3.02
CA ILE A 318 -18.34 -11.74 -3.13
C ILE A 318 -18.39 -12.37 -1.74
N LEU A 319 -19.33 -13.30 -1.56
CA LEU A 319 -19.44 -14.05 -0.31
C LEU A 319 -20.11 -15.39 -0.61
N ASN A 320 -19.53 -16.48 -0.13
CA ASN A 320 -20.08 -17.81 -0.38
C ASN A 320 -20.96 -18.23 0.79
N PRO A 321 -22.27 -18.34 0.61
CA PRO A 321 -23.14 -18.72 1.75
C PRO A 321 -23.03 -20.19 2.11
N ASP A 322 -22.78 -21.06 1.14
CA ASP A 322 -22.74 -22.50 1.39
C ASP A 322 -21.44 -22.96 2.05
N GLY A 323 -20.42 -22.11 2.13
CA GLY A 323 -19.16 -22.51 2.72
C GLY A 323 -18.07 -21.47 2.67
N TYR A 324 -16.82 -21.93 2.57
CA TYR A 324 -15.66 -21.04 2.65
C TYR A 324 -15.60 -20.11 1.44
N THR A 325 -15.28 -18.85 1.70
CA THR A 325 -15.13 -17.85 0.65
C THR A 325 -13.64 -17.54 0.49
N LEU A 326 -13.13 -17.72 -0.73
CA LEU A 326 -11.73 -17.41 -1.00
C LEU A 326 -11.43 -15.97 -0.60
N ASN A 327 -10.29 -15.77 0.05
CA ASN A 327 -9.92 -14.43 0.47
C ASN A 327 -9.48 -13.57 -0.71
N TYR A 328 -8.89 -14.19 -1.73
CA TYR A 328 -8.38 -13.47 -2.88
C TYR A 328 -8.57 -14.31 -4.14
N ASN A 329 -8.59 -13.64 -5.28
CA ASN A 329 -8.78 -14.31 -6.56
C ASN A 329 -7.65 -15.30 -6.84
N GLU A 330 -7.95 -16.30 -7.66
CA GLU A 330 -6.90 -17.09 -8.31
C GLU A 330 -7.39 -17.55 -9.67
N TYR A 331 -6.52 -17.45 -10.67
CA TYR A 331 -6.85 -17.77 -12.05
C TYR A 331 -6.10 -19.03 -12.46
N ILE A 332 -6.77 -19.88 -13.23
CA ILE A 332 -6.22 -21.16 -13.66
C ILE A 332 -6.45 -21.30 -15.16
N VAL A 333 -5.37 -21.53 -15.90
CA VAL A 333 -5.46 -21.90 -17.32
C VAL A 333 -4.96 -23.33 -17.46
N TYR A 334 -5.47 -24.03 -18.46
CA TYR A 334 -5.24 -25.46 -18.58
C TYR A 334 -4.38 -25.82 -19.79
N ASN A 335 -3.71 -24.84 -20.40
CA ASN A 335 -2.81 -25.05 -21.52
C ASN A 335 -1.67 -24.06 -21.36
N PRO A 336 -0.42 -24.51 -21.40
CA PRO A 336 0.70 -23.56 -21.31
C PRO A 336 0.73 -22.54 -22.44
N ASN A 337 0.00 -22.77 -23.54
CA ASN A 337 0.01 -21.76 -24.59
C ASN A 337 -0.82 -20.53 -24.22
N GLN A 338 -1.46 -20.53 -23.05
CA GLN A 338 -2.13 -19.36 -22.53
C GLN A 338 -1.25 -18.58 -21.57
N VAL A 339 0.05 -18.87 -21.55
CA VAL A 339 0.99 -18.28 -20.62
C VAL A 339 2.23 -17.83 -21.39
N ARG A 340 2.62 -16.57 -21.20
CA ARG A 340 3.92 -16.07 -21.65
C ARG A 340 4.62 -15.40 -20.47
N MET A 341 5.72 -16.00 -20.03
CA MET A 341 6.49 -15.46 -18.92
C MET A 341 7.15 -14.15 -19.34
N ARG A 342 7.16 -13.16 -18.45
CA ARG A 342 7.58 -11.81 -18.82
C ARG A 342 8.66 -11.24 -17.89
N TYR A 343 8.40 -11.25 -16.59
CA TYR A 343 9.29 -10.64 -15.62
C TYR A 343 9.61 -11.61 -14.50
N LEU A 344 10.86 -11.56 -14.03
CA LEU A 344 11.33 -12.32 -12.88
C LEU A 344 11.82 -11.33 -11.84
N LEU A 345 11.23 -11.38 -10.65
CA LEU A 345 11.53 -10.45 -9.57
C LEU A 345 12.40 -11.16 -8.54
N LYS A 346 13.52 -10.55 -8.18
CA LYS A 346 14.32 -10.99 -7.03
C LYS A 346 13.85 -10.20 -5.81
N VAL A 347 13.19 -10.88 -4.87
CA VAL A 347 12.42 -10.23 -3.82
C VAL A 347 13.02 -10.56 -2.46
N GLN A 348 13.27 -9.52 -1.66
CA GLN A 348 13.68 -9.71 -0.28
C GLN A 348 12.47 -9.70 0.62
N PHE A 349 12.31 -10.76 1.42
CA PHE A 349 11.20 -10.85 2.38
C PHE A 349 11.65 -10.25 3.70
N ASN A 350 10.93 -9.24 4.17
CA ASN A 350 11.28 -8.57 5.43
C ASN A 350 10.30 -9.04 6.49
N PHE A 351 10.70 -10.07 7.25
CA PHE A 351 9.86 -10.62 8.31
C PHE A 351 9.91 -9.77 9.58
N GLY B 1 -0.02 -14.75 11.48
CA GLY B 1 -0.76 -13.65 10.88
C GLY B 1 -1.27 -12.65 11.90
N PRO B 2 -0.61 -11.49 11.99
CA PRO B 2 -1.07 -10.44 12.92
C PRO B 2 -2.51 -10.04 12.62
N GLU B 3 -3.29 -9.81 13.68
CA GLU B 3 -4.69 -9.46 13.54
C GLU B 3 -5.04 -8.30 14.45
N SER B 4 -5.61 -7.24 13.87
CA SER B 4 -5.90 -6.04 14.65
C SER B 4 -7.10 -6.25 15.55
N GLN B 5 -7.00 -5.73 16.78
CA GLN B 5 -8.09 -5.78 17.75
C GLN B 5 -8.91 -4.50 17.76
N LEU B 6 -8.59 -3.54 16.90
CA LEU B 6 -9.32 -2.28 16.89
C LEU B 6 -10.64 -2.43 16.12
N ASP B 7 -11.60 -1.58 16.48
CA ASP B 7 -12.81 -1.44 15.68
C ASP B 7 -12.46 -1.21 14.23
N LEU B 8 -13.24 -1.81 13.33
CA LEU B 8 -12.90 -1.79 11.90
C LEU B 8 -12.87 -0.36 11.36
N ARG B 9 -13.72 0.53 11.89
CA ARG B 9 -13.71 1.91 11.45
C ARG B 9 -12.44 2.63 11.89
N VAL B 10 -11.91 2.29 13.07
CA VAL B 10 -10.62 2.84 13.46
C VAL B 10 -9.52 2.26 12.58
N GLN B 11 -9.64 0.98 12.22
CA GLN B 11 -8.65 0.34 11.37
C GLN B 11 -8.53 1.04 10.02
N GLU B 12 -9.67 1.31 9.38
CA GLU B 12 -9.65 2.01 8.10
C GLU B 12 -9.04 3.40 8.24
N LEU B 13 -9.34 4.08 9.35
CA LEU B 13 -8.83 5.42 9.56
C LEU B 13 -7.31 5.42 9.73
N ILE B 14 -6.79 4.51 10.54
CA ILE B 14 -5.35 4.45 10.77
C ILE B 14 -4.62 4.12 9.49
N LYS B 15 -5.12 3.13 8.74
CA LYS B 15 -4.48 2.75 7.49
C LYS B 15 -4.52 3.89 6.49
N LEU B 16 -5.54 4.74 6.56
CA LEU B 16 -5.60 5.91 5.70
C LEU B 16 -4.51 6.91 6.05
N ILE B 17 -4.42 7.31 7.32
CA ILE B 17 -3.50 8.39 7.69
C ILE B 17 -2.05 7.92 7.78
N CYS B 18 -1.81 6.63 7.88
CA CYS B 18 -0.46 6.10 7.96
C CYS B 18 0.07 5.61 6.63
N ASN B 19 -0.67 5.80 5.54
CA ASN B 19 -0.23 5.35 4.23
C ASN B 19 0.94 6.22 3.77
N VAL B 20 2.17 5.71 3.95
CA VAL B 20 3.37 6.48 3.61
C VAL B 20 3.50 6.64 2.10
N GLN B 21 3.06 5.64 1.32
CA GLN B 21 3.09 5.79 -0.13
C GLN B 21 2.20 6.92 -0.60
N ALA B 22 1.10 7.19 0.10
CA ALA B 22 0.29 8.35 -0.21
C ALA B 22 1.05 9.64 0.06
N MET B 23 1.80 9.69 1.16
CA MET B 23 2.67 10.81 1.47
C MET B 23 3.70 11.04 0.37
N GLU B 24 4.35 9.96 -0.08
CA GLU B 24 5.30 10.07 -1.19
C GLU B 24 4.64 10.69 -2.41
N GLU B 25 3.47 10.18 -2.79
CA GLU B 25 2.80 10.69 -3.98
C GLU B 25 2.37 12.14 -3.80
N MET B 26 2.08 12.55 -2.56
CA MET B 26 1.67 13.93 -2.32
C MET B 26 2.85 14.89 -2.42
N MET B 27 4.01 14.48 -1.92
CA MET B 27 5.18 15.35 -2.01
C MET B 27 5.63 15.51 -3.45
N MET B 28 5.51 14.45 -4.26
CA MET B 28 5.89 14.54 -5.67
C MET B 28 4.98 15.50 -6.42
N GLU B 29 3.69 15.51 -6.09
CA GLU B 29 2.76 16.45 -6.72
C GLU B 29 3.09 17.87 -6.34
N MET B 30 3.71 18.08 -5.18
CA MET B 30 4.19 19.39 -4.79
C MET B 30 5.58 19.68 -5.33
N LYS B 31 6.05 18.87 -6.27
CA LYS B 31 7.35 19.00 -6.93
C LYS B 31 8.52 18.79 -5.97
N TYR B 32 8.29 18.14 -4.84
CA TYR B 32 9.37 17.79 -3.93
C TYR B 32 10.12 16.58 -4.47
N ASN B 33 11.45 16.65 -4.46
CA ASN B 33 12.27 15.57 -5.02
C ASN B 33 12.48 14.49 -3.96
N THR B 34 11.62 13.46 -3.99
CA THR B 34 11.73 12.38 -3.02
C THR B 34 12.89 11.45 -3.33
N LYS B 35 13.31 11.37 -4.59
CA LYS B 35 14.47 10.56 -4.92
C LYS B 35 15.75 11.18 -4.37
N LYS B 36 15.94 12.48 -4.60
CA LYS B 36 17.11 13.15 -4.04
C LYS B 36 17.06 13.19 -2.52
N ALA B 37 15.87 13.32 -1.94
CA ALA B 37 15.70 13.37 -0.49
C ALA B 37 14.52 12.50 -0.10
N PRO B 38 14.76 11.22 0.21
CA PRO B 38 13.66 10.35 0.64
C PRO B 38 13.05 10.82 1.95
N LEU B 39 11.74 10.52 2.11
CA LEU B 39 11.03 10.94 3.30
C LEU B 39 11.58 10.26 4.55
N GLY B 40 12.18 9.08 4.39
CA GLY B 40 12.77 8.40 5.54
C GLY B 40 13.98 9.09 6.12
N LYS B 41 14.56 10.04 5.38
CA LYS B 41 15.73 10.78 5.83
C LYS B 41 15.37 12.16 6.34
N LEU B 42 14.08 12.49 6.43
CA LEU B 42 13.65 13.81 6.89
C LEU B 42 14.03 14.02 8.34
N THR B 43 14.55 15.21 8.63
CA THR B 43 14.87 15.59 10.00
C THR B 43 14.21 16.92 10.34
N VAL B 44 13.92 17.12 11.62
CA VAL B 44 13.33 18.37 12.07
C VAL B 44 14.26 19.54 11.75
N ALA B 45 15.58 19.31 11.85
CA ALA B 45 16.53 20.37 11.58
C ALA B 45 16.50 20.79 10.12
N GLN B 46 16.35 19.82 9.21
CA GLN B 46 16.30 20.16 7.80
C GLN B 46 15.04 20.95 7.46
N ILE B 47 13.93 20.64 8.13
CA ILE B 47 12.71 21.43 7.98
C ILE B 47 12.93 22.85 8.48
N LYS B 48 13.51 22.99 9.68
CA LYS B 48 13.82 24.31 10.19
C LYS B 48 14.77 25.05 9.26
N ALA B 49 15.73 24.33 8.67
CA ALA B 49 16.62 24.95 7.69
C ALA B 49 15.85 25.54 6.52
N GLY B 50 14.83 24.82 6.03
CA GLY B 50 14.02 25.35 4.95
C GLY B 50 13.24 26.58 5.35
N TYR B 51 12.71 26.59 6.57
CA TYR B 51 12.00 27.76 7.06
C TYR B 51 12.90 28.99 7.10
N GLN B 52 14.14 28.82 7.60
CA GLN B 52 15.08 29.94 7.67
C GLN B 52 15.41 30.48 6.28
N SER B 53 15.58 29.61 5.30
CA SER B 53 15.83 30.10 3.94
C SER B 53 14.63 30.88 3.41
N LEU B 54 13.41 30.42 3.72
CA LEU B 54 12.24 31.17 3.31
C LEU B 54 12.20 32.53 3.99
N LYS B 55 12.59 32.58 5.26
CA LYS B 55 12.67 33.87 5.93
C LYS B 55 13.72 34.75 5.28
N LYS B 56 14.84 34.17 4.84
CA LYS B 56 15.87 34.93 4.14
C LYS B 56 15.34 35.47 2.81
N ILE B 57 14.56 34.66 2.09
CA ILE B 57 13.88 35.15 0.90
C ILE B 57 12.96 36.32 1.23
N GLU B 58 12.22 36.20 2.33
CA GLU B 58 11.36 37.29 2.77
C GLU B 58 12.16 38.55 3.03
N ASP B 59 13.36 38.40 3.61
CA ASP B 59 14.21 39.57 3.84
C ASP B 59 14.63 40.22 2.53
N CYS B 60 14.99 39.40 1.53
CA CYS B 60 15.37 39.96 0.23
C CYS B 60 14.22 40.72 -0.41
N ILE B 61 13.01 40.15 -0.36
CA ILE B 61 11.85 40.79 -0.97
C ILE B 61 11.53 42.10 -0.27
N ARG B 62 11.61 42.10 1.07
CA ARG B 62 11.34 43.32 1.81
C ARG B 62 12.33 44.43 1.44
N ALA B 63 13.59 44.06 1.20
CA ALA B 63 14.63 45.02 0.91
C ALA B 63 14.73 45.36 -0.58
N GLY B 64 13.81 44.88 -1.40
CA GLY B 64 13.82 45.18 -2.82
C GLY B 64 14.92 44.52 -3.61
N GLN B 65 15.47 43.40 -3.12
CA GLN B 65 16.56 42.71 -3.77
C GLN B 65 16.00 41.56 -4.60
N HIS B 66 15.88 41.79 -5.91
CA HIS B 66 15.37 40.77 -6.81
C HIS B 66 16.48 40.15 -7.67
N GLY B 67 17.73 40.48 -7.39
CA GLY B 67 18.83 39.96 -8.19
C GLY B 67 19.68 38.94 -7.45
N ARG B 68 21.00 39.18 -7.42
CA ARG B 68 21.93 38.21 -6.86
C ARG B 68 21.53 37.74 -5.46
N ALA B 69 21.02 38.65 -4.63
CA ALA B 69 20.64 38.26 -3.28
C ALA B 69 19.47 37.28 -3.30
N LEU B 70 18.45 37.56 -4.10
CA LEU B 70 17.27 36.70 -4.14
C LEU B 70 17.60 35.34 -4.77
N MET B 71 18.39 35.34 -5.85
CA MET B 71 18.73 34.09 -6.52
C MET B 71 19.51 33.16 -5.60
N GLU B 72 20.31 33.73 -4.70
CA GLU B 72 21.13 32.91 -3.81
C GLU B 72 20.31 32.40 -2.62
N ALA B 73 19.46 33.24 -2.04
CA ALA B 73 18.56 32.77 -1.00
C ALA B 73 17.68 31.65 -1.52
N CYS B 74 17.13 31.84 -2.73
CA CYS B 74 16.32 30.80 -3.34
C CYS B 74 17.15 29.55 -3.64
N ASN B 75 18.41 29.74 -4.04
CA ASN B 75 19.27 28.60 -4.28
C ASN B 75 19.52 27.83 -2.99
N GLU B 76 19.71 28.55 -1.89
CA GLU B 76 19.90 27.89 -0.60
C GLU B 76 18.65 27.13 -0.16
N PHE B 77 17.47 27.72 -0.36
CA PHE B 77 16.25 26.99 -0.04
C PHE B 77 16.12 25.74 -0.90
N TYR B 78 16.26 25.87 -2.21
CA TYR B 78 16.10 24.73 -3.10
C TYR B 78 17.16 23.67 -2.85
N THR B 79 18.31 24.05 -2.27
CA THR B 79 19.33 23.09 -1.89
C THR B 79 18.95 22.34 -0.61
N ARG B 80 18.40 23.06 0.36
CA ARG B 80 17.93 22.41 1.59
C ARG B 80 16.67 21.61 1.33
N ILE B 81 15.80 22.07 0.43
CA ILE B 81 14.52 21.41 0.19
C ILE B 81 14.44 21.04 -1.28
N PRO B 82 14.97 19.88 -1.67
CA PRO B 82 15.12 19.57 -3.11
C PRO B 82 13.79 19.49 -3.83
N HIS B 83 13.72 20.15 -4.98
CA HIS B 83 12.58 20.08 -5.88
C HIS B 83 12.98 19.33 -7.15
N ASP B 84 11.97 18.91 -7.93
CA ASP B 84 12.24 18.16 -9.17
C ASP B 84 11.65 18.91 -10.36
N PHE B 85 12.47 19.73 -11.01
CA PHE B 85 12.02 20.41 -12.24
C PHE B 85 12.87 19.86 -13.37
N GLY B 86 13.25 18.58 -13.28
CA GLY B 86 14.16 18.00 -14.28
C GLY B 86 15.45 18.79 -14.32
N LEU B 87 15.80 19.32 -15.49
CA LEU B 87 17.00 20.18 -15.57
C LEU B 87 16.57 21.65 -15.62
N ARG B 88 15.26 21.90 -15.72
CA ARG B 88 14.72 23.30 -15.76
C ARG B 88 15.18 24.04 -14.50
N THR B 89 15.44 25.35 -14.63
CA THR B 89 15.94 26.14 -13.49
C THR B 89 14.82 26.34 -12.49
N PRO B 90 15.06 26.09 -11.20
CA PRO B 90 14.01 26.27 -10.19
C PRO B 90 13.53 27.70 -10.16
N PRO B 91 12.23 27.92 -10.02
CA PRO B 91 11.68 29.28 -10.11
C PRO B 91 12.00 30.11 -8.88
N LEU B 92 12.09 31.42 -9.09
CA LEU B 92 12.31 32.34 -7.98
C LEU B 92 11.03 32.49 -7.16
N ILE B 93 11.18 32.64 -5.86
CA ILE B 93 10.06 32.81 -4.94
C ILE B 93 9.97 34.29 -4.59
N ARG B 94 8.86 34.93 -4.94
CA ARG B 94 8.72 36.37 -4.82
C ARG B 94 7.40 36.82 -4.21
N THR B 95 6.29 36.16 -4.52
CA THR B 95 4.98 36.59 -4.07
C THR B 95 4.59 35.91 -2.76
N GLN B 96 3.55 36.45 -2.12
CA GLN B 96 3.05 35.85 -0.90
C GLN B 96 2.49 34.45 -1.16
N LYS B 97 1.76 34.28 -2.25
CA LYS B 97 1.24 32.97 -2.60
C LYS B 97 2.36 31.96 -2.84
N GLU B 98 3.43 32.40 -3.52
CA GLU B 98 4.57 31.51 -3.69
C GLU B 98 5.22 31.16 -2.35
N LEU B 99 5.32 32.14 -1.44
CA LEU B 99 5.88 31.88 -0.12
C LEU B 99 5.00 30.90 0.66
N SER B 100 3.68 31.11 0.62
CA SER B 100 2.76 30.22 1.33
C SER B 100 2.82 28.80 0.78
N GLU B 101 2.98 28.65 -0.53
CA GLU B 101 3.10 27.32 -1.12
C GLU B 101 4.29 26.57 -0.54
N LYS B 102 5.41 27.26 -0.31
CA LYS B 102 6.56 26.59 0.28
C LYS B 102 6.33 26.30 1.75
N ILE B 103 5.62 27.20 2.44
CA ILE B 103 5.27 26.94 3.84
C ILE B 103 4.40 25.70 3.95
N GLN B 104 3.42 25.55 3.05
CA GLN B 104 2.59 24.35 3.04
C GLN B 104 3.42 23.09 2.80
N LEU B 105 4.41 23.19 1.92
CA LEU B 105 5.29 22.04 1.68
C LEU B 105 6.04 21.66 2.94
N LEU B 106 6.63 22.65 3.63
CA LEU B 106 7.34 22.37 4.87
C LEU B 106 6.41 21.82 5.95
N GLU B 107 5.19 22.36 6.03
CA GLU B 107 4.23 21.84 6.98
C GLU B 107 3.95 20.36 6.72
N ALA B 108 3.73 20.00 5.45
CA ALA B 108 3.51 18.60 5.11
C ALA B 108 4.73 17.75 5.46
N LEU B 109 5.92 18.21 5.06
CA LEU B 109 7.15 17.50 5.41
C LEU B 109 7.27 17.32 6.92
N GLY B 110 6.87 18.34 7.68
CA GLY B 110 6.96 18.25 9.13
C GLY B 110 6.08 17.17 9.71
N ASP B 111 4.83 17.08 9.23
CA ASP B 111 3.92 16.04 9.72
C ASP B 111 4.28 14.68 9.15
N ILE B 112 4.90 14.63 7.96
CA ILE B 112 5.36 13.35 7.43
C ILE B 112 6.53 12.82 8.25
N GLU B 113 7.44 13.71 8.67
CA GLU B 113 8.53 13.31 9.54
C GLU B 113 8.00 12.74 10.85
N ILE B 114 6.95 13.34 11.42
CA ILE B 114 6.33 12.79 12.62
C ILE B 114 5.74 11.41 12.34
N ALA B 115 5.07 11.26 11.21
CA ALA B 115 4.41 9.99 10.89
C ALA B 115 5.43 8.89 10.63
N ILE B 116 6.53 9.21 9.95
CA ILE B 116 7.56 8.21 9.69
C ILE B 116 8.17 7.70 10.99
N LYS B 117 8.44 8.61 11.93
CA LYS B 117 8.99 8.21 13.22
C LYS B 117 7.98 7.40 14.03
N LEU B 118 6.70 7.61 13.80
CA LEU B 118 5.69 6.81 14.49
C LEU B 118 5.56 5.44 13.85
N VAL B 119 5.48 5.39 12.53
CA VAL B 119 5.39 4.11 11.83
C VAL B 119 6.66 3.30 12.05
N LYS B 120 7.82 3.95 12.07
CA LYS B 120 9.07 3.24 12.31
C LYS B 120 9.28 2.89 13.79
N SER B 121 8.53 3.53 14.69
CA SER B 121 8.60 3.22 16.10
C SER B 121 7.95 1.89 16.45
N GLU B 122 7.15 1.33 15.55
CA GLU B 122 6.56 0.02 15.79
C GLU B 122 7.66 -1.03 15.95
N ARG B 123 7.53 -1.86 16.98
CA ARG B 123 8.48 -2.95 17.16
C ARG B 123 8.16 -4.05 16.16
N GLN B 124 7.46 -5.09 16.61
CA GLN B 124 7.12 -6.23 15.76
C GLN B 124 6.18 -7.18 16.51
N GLY B 125 6.24 -8.45 16.15
CA GLY B 125 5.38 -9.44 16.78
C GLY B 125 4.02 -9.54 16.12
N LEU B 126 3.16 -10.30 16.79
CA LEU B 126 1.79 -10.49 16.31
C LEU B 126 0.92 -9.24 16.52
N GLU B 127 1.37 -8.26 17.32
CA GLU B 127 0.63 -7.01 17.43
C GLU B 127 0.57 -6.33 16.06
N HIS B 128 -0.62 -6.24 15.49
CA HIS B 128 -0.79 -5.65 14.16
C HIS B 128 -0.19 -4.25 14.12
N PRO B 129 0.44 -3.87 13.01
CA PRO B 129 1.01 -2.49 12.93
C PRO B 129 -0.01 -1.40 13.20
N LEU B 130 -1.26 -1.55 12.75
CA LEU B 130 -2.27 -0.52 13.01
C LEU B 130 -2.46 -0.31 14.51
N ASP B 131 -2.46 -1.40 15.28
CA ASP B 131 -2.64 -1.29 16.72
C ASP B 131 -1.47 -0.54 17.35
N GLN B 132 -0.24 -0.78 16.87
CA GLN B 132 0.90 -0.03 17.36
C GLN B 132 0.80 1.43 16.97
N HIS B 133 0.48 1.71 15.70
CA HIS B 133 0.35 3.08 15.23
C HIS B 133 -0.72 3.82 16.01
N TYR B 134 -1.89 3.19 16.20
CA TYR B 134 -2.96 3.81 16.97
C TYR B 134 -2.49 4.19 18.36
N ARG B 135 -1.89 3.24 19.10
CA ARG B 135 -1.45 3.52 20.46
C ARG B 135 -0.40 4.62 20.49
N ASN B 136 0.47 4.66 19.49
CA ASN B 136 1.54 5.65 19.49
C ASN B 136 1.08 7.04 19.08
N LEU B 137 -0.19 7.20 18.70
CA LEU B 137 -0.73 8.54 18.48
C LEU B 137 -1.00 9.24 19.81
N HIS B 138 -1.22 8.47 20.88
CA HIS B 138 -1.64 9.01 22.17
C HIS B 138 -2.83 9.94 21.98
N CYS B 139 -3.84 9.41 21.30
CA CYS B 139 -5.02 10.19 20.93
C CYS B 139 -6.15 9.20 20.69
N ALA B 140 -7.13 9.19 21.59
CA ALA B 140 -8.25 8.29 21.42
C ALA B 140 -9.09 8.71 20.21
N LEU B 141 -9.58 7.71 19.48
CA LEU B 141 -10.51 7.92 18.36
C LEU B 141 -11.65 6.93 18.56
N ARG B 142 -12.77 7.39 19.09
CA ARG B 142 -13.87 6.51 19.44
C ARG B 142 -15.01 6.68 18.45
N PRO B 143 -15.33 5.67 17.64
CA PRO B 143 -16.41 5.82 16.66
C PRO B 143 -17.75 5.98 17.34
N LEU B 144 -18.60 6.82 16.75
CA LEU B 144 -19.91 7.16 17.28
C LEU B 144 -21.01 6.53 16.43
N ASP B 145 -22.15 6.25 17.07
CA ASP B 145 -23.30 5.72 16.36
C ASP B 145 -23.86 6.75 15.39
N HIS B 146 -24.31 6.29 14.23
CA HIS B 146 -24.90 7.20 13.25
C HIS B 146 -26.23 7.77 13.71
N GLU B 147 -26.91 7.12 14.66
CA GLU B 147 -28.19 7.60 15.15
C GLU B 147 -28.07 8.39 16.45
N SER B 148 -26.86 8.59 16.98
CA SER B 148 -26.67 9.37 18.18
C SER B 148 -26.97 10.85 17.93
N TYR B 149 -27.19 11.57 19.02
CA TYR B 149 -27.46 13.01 18.90
C TYR B 149 -26.23 13.77 18.44
N GLU B 150 -25.03 13.34 18.85
CA GLU B 150 -23.82 14.00 18.36
C GLU B 150 -23.66 13.84 16.86
N PHE B 151 -23.95 12.64 16.33
CA PHE B 151 -23.86 12.44 14.89
C PHE B 151 -24.82 13.36 14.14
N LYS B 152 -26.06 13.45 14.61
CA LYS B 152 -27.07 14.22 13.86
C LYS B 152 -26.75 15.71 13.87
N VAL B 153 -26.44 16.26 15.05
CA VAL B 153 -26.10 17.68 15.12
C VAL B 153 -24.85 17.98 14.30
N ILE B 154 -23.87 17.09 14.33
CA ILE B 154 -22.65 17.33 13.55
C ILE B 154 -22.91 17.16 12.06
N SER B 155 -23.80 16.23 11.69
CA SER B 155 -24.19 16.09 10.30
C SER B 155 -24.93 17.33 9.83
N GLN B 156 -25.78 17.91 10.67
CA GLN B 156 -26.44 19.17 10.33
C GLN B 156 -25.43 20.29 10.16
N TYR B 157 -24.45 20.35 11.07
CA TYR B 157 -23.36 21.32 10.94
C TYR B 157 -22.63 21.16 9.61
N LEU B 158 -22.39 19.92 9.19
CA LEU B 158 -21.68 19.71 7.94
C LEU B 158 -22.46 20.25 6.75
N GLN B 159 -23.78 20.05 6.74
CA GLN B 159 -24.58 20.43 5.58
C GLN B 159 -25.07 21.88 5.66
N SER B 160 -25.53 22.32 6.83
CA SER B 160 -26.09 23.65 6.94
C SER B 160 -25.06 24.74 6.69
N THR B 161 -23.77 24.41 6.72
CA THR B 161 -22.70 25.40 6.49
C THR B 161 -21.80 25.05 5.31
N HIS B 162 -22.23 24.16 4.41
CA HIS B 162 -21.54 24.07 3.12
C HIS B 162 -21.87 25.32 2.31
N ALA B 163 -20.83 26.07 1.94
CA ALA B 163 -21.00 27.39 1.36
C ALA B 163 -21.34 27.30 -0.13
N PRO B 164 -22.10 28.28 -0.65
CA PRO B 164 -22.55 28.19 -2.06
C PRO B 164 -21.45 28.44 -3.07
N THR B 165 -20.39 29.18 -2.71
CA THR B 165 -19.30 29.40 -3.64
C THR B 165 -18.43 28.16 -3.82
N HIS B 166 -18.68 27.11 -3.03
CA HIS B 166 -17.98 25.83 -3.19
C HIS B 166 -18.99 24.78 -3.67
N SER B 167 -19.50 25.00 -4.88
CA SER B 167 -20.57 24.19 -5.44
C SER B 167 -20.08 23.10 -6.39
N ASP B 168 -18.76 22.95 -6.54
CA ASP B 168 -18.18 21.90 -7.38
C ASP B 168 -18.12 20.54 -6.67
N TYR B 169 -18.68 20.42 -5.47
CA TYR B 169 -18.74 19.13 -4.78
C TYR B 169 -19.80 19.19 -3.68
N THR B 170 -20.32 18.02 -3.33
CA THR B 170 -21.08 17.81 -2.11
C THR B 170 -20.26 16.95 -1.15
N MET B 171 -20.80 16.70 0.03
CA MET B 171 -20.05 16.01 1.06
C MET B 171 -20.90 14.94 1.74
N THR B 172 -20.39 13.71 1.79
CA THR B 172 -21.03 12.60 2.49
C THR B 172 -20.22 12.27 3.74
N LEU B 173 -20.88 12.30 4.90
CA LEU B 173 -20.24 11.92 6.16
C LEU B 173 -20.19 10.40 6.24
N LEU B 174 -19.00 9.83 6.04
CA LEU B 174 -18.85 8.38 6.12
C LEU B 174 -18.77 7.89 7.57
N ASP B 175 -17.90 8.51 8.37
CA ASP B 175 -17.70 8.08 9.75
C ASP B 175 -17.46 9.30 10.62
N LEU B 176 -17.81 9.18 11.90
CA LEU B 176 -17.63 10.24 12.88
C LEU B 176 -16.94 9.67 14.11
N PHE B 177 -15.76 10.21 14.43
CA PHE B 177 -14.99 9.77 15.60
C PHE B 177 -14.94 10.86 16.65
N GLU B 178 -14.97 10.47 17.91
CA GLU B 178 -14.71 11.39 19.00
C GLU B 178 -13.22 11.43 19.26
N VAL B 179 -12.66 12.64 19.35
CA VAL B 179 -11.23 12.84 19.50
C VAL B 179 -10.92 13.26 20.93
N GLU B 180 -9.96 12.59 21.55
CA GLU B 180 -9.46 12.94 22.88
C GLU B 180 -7.94 12.81 22.82
N LYS B 181 -7.26 13.92 22.54
CA LYS B 181 -5.80 13.94 22.58
C LYS B 181 -5.33 14.08 24.01
N ASP B 182 -4.32 13.29 24.37
CA ASP B 182 -3.81 13.27 25.74
C ASP B 182 -3.35 14.65 26.17
N GLY B 183 -3.84 15.11 27.32
CA GLY B 183 -3.42 16.37 27.90
C GLY B 183 -4.13 17.59 27.40
N GLU B 184 -4.95 17.47 26.35
CA GLU B 184 -5.59 18.65 25.78
C GLU B 184 -6.65 19.24 26.71
N LYS B 185 -7.43 18.38 27.38
CA LYS B 185 -8.44 18.87 28.31
C LYS B 185 -7.80 19.63 29.46
N GLU B 186 -6.72 19.09 30.03
CA GLU B 186 -6.08 19.71 31.18
C GLU B 186 -5.53 21.10 30.84
N ALA B 187 -5.07 21.30 29.62
CA ALA B 187 -4.49 22.58 29.23
C ALA B 187 -5.52 23.60 28.77
N PHE B 188 -6.74 23.15 28.46
CA PHE B 188 -7.72 23.98 27.76
C PHE B 188 -8.20 25.15 28.61
N ARG B 189 -8.24 26.34 28.00
CA ARG B 189 -8.79 27.54 28.63
C ARG B 189 -10.30 27.46 28.80
N GLU B 190 -10.75 26.82 29.89
CA GLU B 190 -12.18 26.72 30.14
C GLU B 190 -12.80 28.05 30.54
N ASP B 191 -11.99 28.93 31.17
CA ASP B 191 -12.53 30.16 31.74
C ASP B 191 -13.02 31.11 30.65
N LEU B 192 -12.35 31.12 29.49
CA LEU B 192 -12.69 32.07 28.45
C LEU B 192 -14.08 31.84 27.91
N HIS B 193 -14.78 32.94 27.63
CA HIS B 193 -16.10 32.88 27.02
C HIS B 193 -15.96 32.75 25.51
N ASN B 194 -17.11 32.71 24.83
CA ASN B 194 -17.16 32.59 23.37
C ASN B 194 -16.46 31.31 22.90
N ARG B 195 -16.78 30.20 23.57
CA ARG B 195 -16.26 28.89 23.18
C ARG B 195 -17.12 28.31 22.06
N MET B 196 -16.53 28.13 20.88
CA MET B 196 -17.25 27.61 19.72
C MET B 196 -16.60 26.34 19.19
N LEU B 197 -17.43 25.50 18.57
CA LEU B 197 -16.99 24.29 17.88
C LEU B 197 -16.77 24.63 16.41
N LEU B 198 -15.52 24.66 15.98
CA LEU B 198 -15.17 25.17 14.66
C LEU B 198 -14.42 24.12 13.86
N TRP B 199 -14.42 24.33 12.54
CA TRP B 199 -13.85 23.38 11.59
C TRP B 199 -12.37 23.63 11.37
N HIS B 200 -11.65 22.56 10.99
CA HIS B 200 -10.28 22.69 10.48
C HIS B 200 -10.02 21.55 9.51
N GLY B 201 -9.63 21.91 8.29
CA GLY B 201 -9.26 20.94 7.28
C GLY B 201 -7.76 20.96 7.02
N SER B 202 -7.22 19.83 6.59
CA SER B 202 -5.80 19.70 6.32
C SER B 202 -5.61 18.56 5.34
N ARG B 203 -4.39 18.45 4.81
CA ARG B 203 -4.09 17.41 3.85
C ARG B 203 -4.09 16.03 4.50
N MET B 204 -4.29 15.00 3.67
CA MET B 204 -4.38 13.64 4.19
C MET B 204 -3.14 13.25 4.98
N SER B 205 -1.97 13.64 4.49
CA SER B 205 -0.71 13.23 5.10
C SER B 205 -0.37 14.00 6.38
N ASN B 206 -1.21 14.94 6.80
CA ASN B 206 -0.93 15.74 7.99
C ASN B 206 -1.57 15.20 9.26
N TRP B 207 -2.50 14.24 9.14
CA TRP B 207 -3.36 13.93 10.28
C TRP B 207 -2.61 13.19 11.39
N VAL B 208 -1.57 12.43 11.04
CA VAL B 208 -0.79 11.78 12.10
C VAL B 208 -0.10 12.82 12.97
N GLY B 209 0.56 13.79 12.33
CA GLY B 209 1.16 14.87 13.09
C GLY B 209 0.14 15.66 13.88
N ILE B 210 -1.02 15.90 13.29
CA ILE B 210 -2.04 16.73 13.94
C ILE B 210 -2.68 15.97 15.10
N LEU B 211 -3.01 14.69 14.90
CA LEU B 211 -3.64 13.94 15.98
C LEU B 211 -2.65 13.61 17.09
N SER B 212 -1.38 13.36 16.75
CA SER B 212 -0.38 12.99 17.74
C SER B 212 0.25 14.21 18.43
N HIS B 213 0.47 15.30 17.71
CA HIS B 213 1.12 16.47 18.28
C HIS B 213 0.20 17.68 18.43
N GLY B 214 -1.07 17.58 18.05
CA GLY B 214 -1.98 18.71 18.14
C GLY B 214 -1.77 19.72 17.03
N LEU B 215 -2.70 20.67 16.88
CA LEU B 215 -2.43 21.83 16.04
C LEU B 215 -1.45 22.75 16.75
N ARG B 216 -0.36 23.11 16.08
CA ARG B 216 0.73 23.83 16.73
C ARG B 216 0.95 25.19 16.07
N ILE B 217 1.67 26.05 16.79
CA ILE B 217 2.02 27.38 16.30
C ILE B 217 3.18 27.24 15.32
N ALA B 218 3.13 28.00 14.21
CA ALA B 218 4.23 28.00 13.26
C ALA B 218 5.54 28.37 13.95
N PRO B 219 6.67 27.86 13.47
CA PRO B 219 7.95 28.09 14.17
C PRO B 219 8.40 29.53 14.02
N PRO B 220 9.21 30.03 14.97
CA PRO B 220 9.66 31.43 14.87
C PRO B 220 10.51 31.71 13.65
N GLU B 221 11.19 30.71 13.09
CA GLU B 221 12.00 30.89 11.90
C GLU B 221 11.17 31.11 10.64
N ALA B 222 9.89 30.75 10.67
CA ALA B 222 9.04 30.89 9.50
C ALA B 222 8.83 32.37 9.16
N PRO B 223 8.71 32.71 7.87
CA PRO B 223 8.44 34.11 7.51
C PRO B 223 7.04 34.49 7.92
N ILE B 224 6.92 35.63 8.60
CA ILE B 224 5.61 36.03 9.14
C ILE B 224 4.63 36.34 8.03
N THR B 225 5.11 36.84 6.88
CA THR B 225 4.20 37.23 5.81
C THR B 225 3.54 36.04 5.14
N GLY B 226 3.97 34.82 5.44
CA GLY B 226 3.30 33.65 4.91
C GLY B 226 2.07 33.23 5.67
N TYR B 227 1.59 34.06 6.61
CA TYR B 227 0.41 33.75 7.41
C TYR B 227 -0.48 35.00 7.44
N MET B 228 -1.65 34.90 6.80
CA MET B 228 -2.52 36.06 6.60
C MET B 228 -2.85 36.80 7.89
N PHE B 229 -2.94 36.09 9.01
CA PHE B 229 -3.31 36.72 10.28
C PHE B 229 -2.32 36.36 11.39
N GLY B 230 -1.07 36.09 11.02
CA GLY B 230 -0.05 35.78 12.00
C GLY B 230 0.05 34.28 12.28
N LYS B 231 0.98 33.96 13.18
CA LYS B 231 1.35 32.58 13.47
C LYS B 231 0.40 32.05 14.54
N GLY B 232 -0.75 31.57 14.10
CA GLY B 232 -1.76 31.02 14.97
C GLY B 232 -2.39 29.78 14.36
N ILE B 233 -3.53 29.37 14.91
CA ILE B 233 -4.25 28.18 14.47
C ILE B 233 -5.58 28.64 13.90
N TYR B 234 -5.86 28.26 12.66
CA TYR B 234 -6.95 28.85 11.88
C TYR B 234 -8.15 27.91 11.83
N PHE B 235 -9.34 28.49 11.99
CA PHE B 235 -10.59 27.75 11.99
C PHE B 235 -11.62 28.50 11.15
N ALA B 236 -12.60 27.76 10.66
CA ALA B 236 -13.74 28.30 9.95
C ALA B 236 -15.03 27.87 10.65
N ASP B 237 -16.10 28.62 10.42
CA ASP B 237 -17.43 28.20 10.82
C ASP B 237 -18.26 27.72 9.64
N MET B 238 -17.69 27.70 8.44
CA MET B 238 -18.28 27.10 7.25
C MET B 238 -17.47 25.84 6.95
N SER B 239 -18.15 24.69 6.89
CA SER B 239 -17.42 23.43 6.68
C SER B 239 -16.67 23.43 5.37
N SER B 240 -17.28 23.99 4.31
CA SER B 240 -16.68 23.94 2.98
C SER B 240 -15.41 24.78 2.89
N LYS B 241 -15.34 25.88 3.65
CA LYS B 241 -14.10 26.66 3.67
C LYS B 241 -12.95 25.82 4.23
N SER B 242 -13.21 25.10 5.33
CA SER B 242 -12.20 24.18 5.87
C SER B 242 -11.94 23.02 4.92
N ALA B 243 -13.01 22.50 4.30
CA ALA B 243 -12.89 21.29 3.48
C ALA B 243 -12.02 21.54 2.26
N ASN B 244 -11.97 22.77 1.77
CA ASN B 244 -11.09 23.07 0.65
C ASN B 244 -9.63 22.81 1.01
N TYR B 245 -9.29 22.83 2.29
CA TYR B 245 -7.92 22.59 2.71
C TYR B 245 -7.60 21.10 2.82
N CYS B 246 -8.60 20.22 2.59
CA CYS B 246 -8.30 18.81 2.45
C CYS B 246 -7.59 18.51 1.14
N PHE B 247 -7.81 19.34 0.12
CA PHE B 247 -7.25 19.15 -1.22
C PHE B 247 -7.60 17.76 -1.77
N ALA B 248 -8.82 17.32 -1.49
CA ALA B 248 -9.29 16.06 -2.06
C ALA B 248 -9.41 16.19 -3.57
N SER B 249 -9.10 15.11 -4.27
CA SER B 249 -9.18 15.05 -5.71
C SER B 249 -10.32 14.12 -6.12
N ARG B 250 -10.41 13.85 -7.43
CA ARG B 250 -11.44 12.94 -7.90
C ARG B 250 -11.10 11.49 -7.62
N LEU B 251 -9.81 11.13 -7.77
CA LEU B 251 -9.37 9.77 -7.44
C LEU B 251 -9.22 9.59 -5.94
N LYS B 252 -8.68 10.60 -5.25
CA LYS B 252 -8.56 10.58 -3.79
C LYS B 252 -9.63 11.49 -3.22
N ASN B 253 -10.87 10.98 -3.19
CA ASN B 253 -12.02 11.77 -2.81
C ASN B 253 -12.39 11.61 -1.34
N THR B 254 -11.48 11.10 -0.52
CA THR B 254 -11.69 10.97 0.92
C THR B 254 -10.86 12.01 1.64
N GLY B 255 -11.51 12.84 2.45
CA GLY B 255 -10.82 13.80 3.28
C GLY B 255 -11.33 13.73 4.72
N LEU B 256 -10.55 14.32 5.61
CA LEU B 256 -10.89 14.35 7.03
C LEU B 256 -11.14 15.79 7.45
N LEU B 257 -12.21 16.00 8.21
CA LEU B 257 -12.55 17.31 8.76
C LEU B 257 -12.49 17.23 10.27
N LEU B 258 -11.87 18.23 10.91
CA LEU B 258 -11.67 18.24 12.35
C LEU B 258 -12.57 19.28 12.99
N LEU B 259 -13.25 18.90 14.07
CA LEU B 259 -14.05 19.81 14.88
C LEU B 259 -13.38 19.97 16.23
N SER B 260 -13.18 21.22 16.64
CA SER B 260 -12.51 21.53 17.90
C SER B 260 -13.30 22.57 18.66
N GLU B 261 -13.23 22.48 19.98
CA GLU B 261 -13.70 23.56 20.84
C GLU B 261 -12.61 24.62 20.91
N VAL B 262 -12.94 25.84 20.50
CA VAL B 262 -11.99 26.95 20.44
C VAL B 262 -12.42 28.02 21.44
N ALA B 263 -11.55 28.32 22.39
CA ALA B 263 -11.80 29.38 23.37
C ALA B 263 -11.40 30.70 22.74
N LEU B 264 -12.35 31.31 22.03
CA LEU B 264 -12.06 32.56 21.33
C LEU B 264 -11.92 33.73 22.30
N GLY B 265 -12.76 33.75 23.33
CA GLY B 265 -12.77 34.92 24.20
C GLY B 265 -13.19 36.15 23.45
N GLN B 266 -12.49 37.26 23.71
CA GLN B 266 -12.73 38.52 23.01
C GLN B 266 -12.01 38.51 21.67
N CYS B 267 -12.79 38.60 20.59
CA CYS B 267 -12.23 38.61 19.24
C CYS B 267 -11.82 40.02 18.83
N ASN B 268 -10.72 40.11 18.11
CA ASN B 268 -10.31 41.34 17.42
C ASN B 268 -10.74 41.19 15.97
N GLU B 269 -11.81 41.88 15.60
CA GLU B 269 -12.42 41.70 14.29
C GLU B 269 -11.67 42.51 13.25
N LEU B 270 -11.29 41.86 12.16
CA LEU B 270 -10.53 42.48 11.08
C LEU B 270 -11.25 42.25 9.76
N LEU B 271 -11.18 43.26 8.88
CA LEU B 271 -11.77 43.17 7.54
C LEU B 271 -10.75 42.83 6.47
N GLU B 272 -9.46 43.09 6.73
CA GLU B 272 -8.40 42.85 5.78
C GLU B 272 -7.31 42.00 6.44
N ALA B 273 -6.62 41.22 5.62
CA ALA B 273 -5.50 40.42 6.12
C ALA B 273 -4.44 41.31 6.74
N ASN B 274 -3.71 40.74 7.70
CA ASN B 274 -2.63 41.45 8.38
C ASN B 274 -1.75 40.44 9.09
N PRO B 275 -0.62 40.06 8.50
CA PRO B 275 0.27 39.09 9.15
C PRO B 275 0.68 39.48 10.56
N LYS B 276 0.62 40.77 10.92
CA LYS B 276 0.95 41.21 12.27
C LYS B 276 -0.27 41.32 13.16
N ALA B 277 -1.34 40.57 12.86
CA ALA B 277 -2.57 40.68 13.62
C ALA B 277 -2.38 40.37 15.10
N GLU B 278 -1.46 39.45 15.43
CA GLU B 278 -1.29 39.07 16.84
C GLU B 278 -0.82 40.23 17.69
N GLY B 279 -0.04 41.16 17.11
CA GLY B 279 0.38 42.35 17.83
C GLY B 279 -0.73 43.35 18.05
N LEU B 280 -1.84 43.23 17.33
CA LEU B 280 -3.00 44.09 17.51
C LEU B 280 -3.95 43.59 18.58
N LEU B 281 -3.68 42.44 19.19
CA LEU B 281 -4.59 41.90 20.20
C LEU B 281 -4.64 42.79 21.43
N GLN B 282 -3.48 43.32 21.85
CA GLN B 282 -3.28 44.13 23.05
C GLN B 282 -4.20 43.75 24.21
N GLY B 283 -4.46 42.47 24.40
CA GLY B 283 -5.33 42.07 25.48
C GLY B 283 -6.47 41.17 25.03
N LYS B 284 -6.90 41.29 23.78
CA LYS B 284 -7.92 40.39 23.25
C LYS B 284 -7.34 38.96 23.15
N HIS B 285 -8.23 38.00 22.89
CA HIS B 285 -7.85 36.59 22.97
C HIS B 285 -7.82 35.88 21.62
N SER B 286 -8.37 36.48 20.57
CA SER B 286 -8.35 35.83 19.27
C SER B 286 -8.53 36.89 18.19
N THR B 287 -8.26 36.49 16.96
CA THR B 287 -8.48 37.33 15.79
C THR B 287 -9.62 36.72 14.98
N LYS B 288 -10.54 37.57 14.54
CA LYS B 288 -11.62 37.13 13.67
C LYS B 288 -11.55 37.93 12.37
N GLY B 289 -11.25 37.25 11.27
CA GLY B 289 -11.41 37.86 9.97
C GLY B 289 -12.86 37.77 9.55
N LEU B 290 -13.49 38.93 9.33
CA LEU B 290 -14.92 38.99 9.00
C LEU B 290 -15.14 38.66 7.52
N GLY B 291 -16.05 37.72 7.25
CA GLY B 291 -16.39 37.33 5.91
C GLY B 291 -17.78 37.82 5.49
N LYS B 292 -18.08 37.62 4.20
CA LYS B 292 -19.38 38.00 3.66
C LYS B 292 -20.48 37.12 4.24
N MET B 293 -20.35 35.81 4.07
CA MET B 293 -21.34 34.85 4.53
C MET B 293 -20.94 34.30 5.89
N ALA B 294 -21.93 34.14 6.76
CA ALA B 294 -21.68 33.63 8.09
C ALA B 294 -22.99 33.07 8.64
N PRO B 295 -22.93 32.03 9.47
CA PRO B 295 -24.14 31.56 10.14
C PRO B 295 -24.71 32.63 11.04
N SER B 296 -26.02 32.61 11.21
CA SER B 296 -26.73 33.61 12.00
C SER B 296 -26.90 33.14 13.44
N SER B 297 -26.66 34.05 14.38
CA SER B 297 -26.67 33.71 15.80
C SER B 297 -27.99 33.08 16.25
N ALA B 298 -29.09 33.32 15.54
CA ALA B 298 -30.36 32.75 15.96
C ALA B 298 -30.41 31.25 15.72
N HIS B 299 -29.65 30.73 14.75
CA HIS B 299 -29.63 29.30 14.46
C HIS B 299 -28.67 28.53 15.37
N PHE B 300 -28.03 29.19 16.32
CA PHE B 300 -26.97 28.57 17.10
C PHE B 300 -27.54 27.64 18.16
N VAL B 301 -26.95 26.45 18.28
CA VAL B 301 -27.25 25.52 19.38
C VAL B 301 -25.99 25.33 20.21
N THR B 302 -26.08 24.53 21.26
CA THR B 302 -24.94 24.20 22.10
C THR B 302 -24.74 22.69 22.11
N LEU B 303 -23.48 22.28 22.05
CA LEU B 303 -23.09 20.88 22.16
C LEU B 303 -22.04 20.78 23.24
N ASN B 304 -22.45 20.31 24.43
CA ASN B 304 -21.53 20.03 25.54
C ASN B 304 -20.69 21.25 25.91
N GLY B 305 -21.36 22.40 26.02
CA GLY B 305 -20.71 23.61 26.46
C GLY B 305 -20.13 24.48 25.38
N SER B 306 -20.20 24.07 24.11
CA SER B 306 -19.66 24.85 23.01
C SER B 306 -20.78 25.25 22.06
N THR B 307 -20.67 26.46 21.53
CA THR B 307 -21.66 26.97 20.56
C THR B 307 -21.39 26.35 19.19
N VAL B 308 -22.42 25.82 18.54
CA VAL B 308 -22.27 25.29 17.16
C VAL B 308 -22.86 26.33 16.21
N PRO B 309 -22.03 27.04 15.43
CA PRO B 309 -22.51 28.04 14.47
C PRO B 309 -23.22 27.37 13.30
N LEU B 310 -24.43 26.86 13.55
CA LEU B 310 -25.14 26.06 12.52
C LEU B 310 -26.08 26.92 11.70
N GLY B 311 -26.98 26.25 10.99
CA GLY B 311 -28.06 26.95 10.27
C GLY B 311 -27.65 27.44 8.92
N PRO B 312 -28.61 27.79 8.06
CA PRO B 312 -28.28 28.40 6.80
C PRO B 312 -27.43 29.64 7.12
N ALA B 313 -26.41 29.88 6.32
CA ALA B 313 -25.61 31.12 6.50
C ALA B 313 -26.24 32.29 5.75
N SER B 314 -26.15 33.48 6.33
CA SER B 314 -26.70 34.72 5.70
C SER B 314 -25.58 35.49 5.00
N ASP B 315 -25.86 36.12 3.87
CA ASP B 315 -24.79 36.76 3.08
C ASP B 315 -24.87 38.29 3.16
N THR B 316 -23.82 38.92 3.68
CA THR B 316 -23.73 40.40 3.69
C THR B 316 -22.93 40.79 2.44
N GLY B 317 -23.37 40.32 1.26
CA GLY B 317 -22.64 40.54 -0.01
C GLY B 317 -23.59 40.36 -1.16
N ILE B 318 -24.84 39.98 -0.85
CA ILE B 318 -25.90 39.92 -1.89
C ILE B 318 -26.48 41.33 -1.92
N LEU B 319 -26.48 41.99 -0.77
CA LEU B 319 -27.04 43.36 -0.64
C LEU B 319 -25.88 44.35 -0.43
N ASN B 320 -24.84 43.94 0.28
CA ASN B 320 -23.74 44.87 0.60
C ASN B 320 -22.41 44.25 0.18
N PRO B 321 -22.16 43.98 -1.12
CA PRO B 321 -20.93 43.30 -1.55
C PRO B 321 -19.74 44.25 -1.45
N ASP B 322 -19.59 44.91 -0.31
CA ASP B 322 -18.54 45.94 -0.24
C ASP B 322 -17.49 45.65 0.81
N GLY B 323 -17.73 46.07 2.05
CA GLY B 323 -16.71 45.98 3.11
C GLY B 323 -16.27 44.57 3.44
N TYR B 324 -15.94 43.74 2.44
CA TYR B 324 -15.43 42.38 2.74
C TYR B 324 -14.45 41.90 1.66
N THR B 325 -13.22 41.56 2.06
CA THR B 325 -12.28 40.94 1.11
C THR B 325 -12.38 39.43 1.34
N LEU B 326 -12.87 39.02 2.50
CA LEU B 326 -13.03 37.59 2.81
C LEU B 326 -14.46 37.18 2.50
N ASN B 327 -14.62 36.02 1.88
CA ASN B 327 -15.98 35.51 1.58
C ASN B 327 -16.55 34.88 2.85
N TYR B 328 -15.68 34.30 3.68
CA TYR B 328 -16.14 33.59 4.90
C TYR B 328 -15.27 33.98 6.10
N ASN B 329 -15.85 33.87 7.28
CA ASN B 329 -15.10 34.14 8.50
C ASN B 329 -13.89 33.21 8.61
N GLU B 330 -12.91 33.64 9.39
CA GLU B 330 -11.94 32.71 9.93
C GLU B 330 -11.55 33.18 11.31
N TYR B 331 -11.23 32.23 12.18
CA TYR B 331 -10.90 32.49 13.56
C TYR B 331 -9.47 32.03 13.82
N ILE B 332 -8.71 32.84 14.55
CA ILE B 332 -7.30 32.57 14.80
C ILE B 332 -7.04 32.73 16.28
N VAL B 333 -6.50 31.69 16.90
CA VAL B 333 -5.98 31.77 18.27
C VAL B 333 -4.48 31.55 18.20
N TYR B 334 -3.76 32.11 19.18
CA TYR B 334 -2.31 32.10 19.14
C TYR B 334 -1.70 31.26 20.25
N ASN B 335 -2.47 30.33 20.84
CA ASN B 335 -2.01 29.44 21.89
C ASN B 335 -2.78 28.14 21.72
N PRO B 336 -2.10 26.98 21.75
CA PRO B 336 -2.85 25.71 21.66
C PRO B 336 -3.76 25.45 22.86
N ASN B 337 -3.55 26.13 24.00
CA ASN B 337 -4.46 25.89 25.12
C ASN B 337 -5.85 26.49 24.88
N GLN B 338 -6.09 27.16 23.76
CA GLN B 338 -7.42 27.60 23.38
C GLN B 338 -8.10 26.63 22.43
N VAL B 339 -7.54 25.44 22.26
CA VAL B 339 -8.00 24.44 21.30
C VAL B 339 -8.16 23.11 22.04
N ARG B 340 -9.30 22.45 21.81
CA ARG B 340 -9.53 21.09 22.32
C ARG B 340 -10.21 20.30 21.21
N MET B 341 -9.45 19.43 20.56
CA MET B 341 -9.99 18.62 19.48
C MET B 341 -11.11 17.73 20.00
N ARG B 342 -12.21 17.65 19.25
CA ARG B 342 -13.37 16.90 19.75
C ARG B 342 -13.88 15.86 18.78
N TYR B 343 -13.98 16.16 17.48
CA TYR B 343 -14.54 15.20 16.54
C TYR B 343 -13.73 15.19 15.25
N LEU B 344 -13.68 14.00 14.63
CA LEU B 344 -12.99 13.80 13.37
C LEU B 344 -13.98 13.16 12.39
N LEU B 345 -14.26 13.86 11.31
CA LEU B 345 -15.21 13.41 10.29
C LEU B 345 -14.45 12.80 9.12
N LYS B 346 -14.82 11.58 8.74
CA LYS B 346 -14.35 10.98 7.50
C LYS B 346 -15.36 11.32 6.41
N VAL B 347 -14.92 12.03 5.38
CA VAL B 347 -15.81 12.70 4.45
C VAL B 347 -15.52 12.23 3.04
N GLN B 348 -16.57 11.85 2.32
CA GLN B 348 -16.47 11.52 0.91
C GLN B 348 -16.91 12.74 0.09
N PHE B 349 -16.04 13.18 -0.82
CA PHE B 349 -16.31 14.35 -1.65
C PHE B 349 -16.93 13.89 -2.97
N ASN B 350 -18.18 14.27 -3.20
CA ASN B 350 -18.90 13.93 -4.43
C ASN B 350 -18.82 15.14 -5.36
N PHE B 351 -17.95 15.04 -6.37
CA PHE B 351 -17.77 16.14 -7.31
C PHE B 351 -18.89 16.16 -8.33
N LEU B 352 -19.49 17.33 -8.52
CA LEU B 352 -20.69 17.50 -9.34
C LEU B 352 -20.36 17.71 -10.82
CAJ 09L C . 5.25 -30.15 -13.45
CAK 09L C . 3.77 -30.33 -13.40
CAI 09L C . 4.43 -29.38 -12.43
CAL 09L C . 4.28 -27.93 -12.76
OAB 09L C . 4.80 -27.49 -13.78
NAE 09L C . 3.56 -27.12 -11.95
CAM 09L C . 2.87 -27.48 -10.70
CAO 09L C . 1.40 -27.06 -10.72
CAN 09L C . 3.42 -25.72 -12.30
CAP 09L C . 1.94 -25.46 -12.53
NAF 09L C . 1.24 -25.70 -11.27
CAQ 09L C . 0.53 -24.73 -10.66
OAC 09L C . 0.46 -23.62 -11.19
CAR 09L C . -0.21 -24.94 -9.36
CAS 09L C . 0.11 -24.12 -8.30
CAU 09L C . -1.21 -25.89 -9.16
FAA 09L C . -1.54 -26.70 -10.19
CAX 09L C . -1.87 -26.03 -7.96
CAW 09L C . -1.53 -25.20 -6.90
CAT 09L C . -0.53 -24.23 -7.06
CAV 09L C . -0.15 -23.33 -5.93
CAY 09L C . 0.24 -21.93 -6.33
CAZ 09L C . -0.78 -20.90 -6.48
CBB 09L C . -2.15 -21.17 -6.28
CBE 09L C . -3.07 -20.16 -6.44
CBF 09L C . -2.66 -18.86 -6.81
CBD 09L C . -1.32 -18.58 -7.01
CBA 09L C . -0.38 -19.60 -6.83
CBC 09L C . 1.05 -19.31 -7.05
OAD 09L C . 1.51 -18.21 -7.37
NAH 09L C . 1.85 -20.40 -6.86
NAG 09L C . 1.49 -21.66 -6.52
CAJ 09L D . 3.40 22.89 12.58
CAK 09L D . 3.35 24.38 12.51
CAI 09L D . 2.35 23.58 11.72
CAL 09L D . 0.95 23.55 12.26
OAB 09L D . 0.72 22.91 13.29
NAE 09L D . -0.03 24.22 11.60
CAM 09L D . 0.07 25.03 10.38
CAO 09L D . -0.52 26.42 10.57
CAN 09L D . -1.38 24.18 12.17
CAP 09L D . -1.81 25.61 12.48
NAF 09L D . -1.83 26.36 11.22
CAQ 09L D . -2.98 26.88 10.73
OAC 09L D . -4.02 26.77 11.36
CAR 09L D . -3.07 27.67 9.45
CAS 09L D . -3.95 27.23 8.46
CAU 09L D . -2.40 28.86 9.22
FAA 09L D . -1.56 29.31 10.18
CAX 09L D . -2.54 29.58 8.05
CAW 09L D . -3.40 29.11 7.06
CAT 09L D . -4.11 27.93 7.27
CAV 09L D . -5.04 27.42 6.21
CAY 09L D . -6.31 26.79 6.74
CAZ 09L D . -7.44 27.62 7.15
CBB 09L D . -7.41 29.03 7.07
CBE 09L D . -8.51 29.77 7.47
CBF 09L D . -9.66 29.13 7.97
CBD 09L D . -9.71 27.74 8.05
CBA 09L D . -8.59 27.00 7.65
CBC 09L D . -8.62 25.53 7.74
OAD 09L D . -9.57 24.86 8.15
NAH 09L D . -7.48 24.92 7.31
NAG 09L D . -6.36 25.50 6.83
#